data_8B5K
#
_entry.id   8B5K
#
_cell.length_a   91.816
_cell.length_b   61.381
_cell.length_c   106.689
_cell.angle_alpha   90.000
_cell.angle_beta   106.260
_cell.angle_gamma   90.000
#
_symmetry.space_group_name_H-M   'P 1 21 1'
#
loop_
_entity.id
_entity.type
_entity.pdbx_description
1 polymer 'Haloalkane dehalogenase DhaA'
2 non-polymer GLYCEROL
3 non-polymer 'FORMIC ACID'
4 non-polymer 2-AMINO-2-HYDROXYMETHYL-PROPANE-1,3-DIOL
5 non-polymer 2-[3-(2-HYDROXY-1,1-DIHYDROXYMETHYL-ETHYLAMINO)-PROPYLAMINO]-2-HYDROXYMETHYL-PROPANE-1,3-DIOL
6 water water
#
_entity_poly.entity_id   1
_entity_poly.type   'polypeptide(L)'
_entity_poly.pdbx_seq_one_letter_code
;MKRVDVLDSAMSYIDVGQGDPIVFLHGNPTSSYLWRNVIPHLSDVGRCLAPDLIGMGASGTSPTFSYRFADHVRYLDAWF
EAVGITENVVLVVHDWGSALGFYRALRYPEQIAGIAYMDALVQPRTWAGFTDYEPLMRALRTEQGERMALAENVFVEKVV
PGGVQRQLTEEEMAVYRTPYPTPQSRIPTLLWAREIPVEGEPADVQAMVQEYADFLSRSDIPKLLIVAEPGAILHEGGSE
LDFARSWPNQREVKVAGRHFLQEDSPDAIGAAVRAFVLDVRERQDGADRAHHHHHH
;
_entity_poly.pdbx_strand_id   A,B,C,D
#
# COMPACT_ATOMS: atom_id res chain seq x y z
N MET A 1 27.24 11.26 -15.98
CA MET A 1 26.05 11.53 -16.80
C MET A 1 26.12 12.90 -17.47
N LYS A 2 25.51 13.00 -18.64
CA LYS A 2 25.29 14.28 -19.29
C LYS A 2 23.93 14.83 -18.83
N ARG A 3 23.65 16.08 -19.22
CA ARG A 3 22.39 16.70 -18.85
C ARG A 3 22.06 17.76 -19.88
N VAL A 4 20.78 17.93 -20.17
CA VAL A 4 20.36 18.94 -21.12
C VAL A 4 19.01 19.49 -20.68
N ASP A 5 18.81 20.80 -20.83
CA ASP A 5 17.51 21.40 -20.52
C ASP A 5 16.45 20.89 -21.49
N VAL A 6 15.29 20.50 -20.96
CA VAL A 6 14.13 20.11 -21.75
C VAL A 6 12.92 20.87 -21.20
N LEU A 7 12.32 21.70 -22.05
CA LEU A 7 11.18 22.52 -21.65
C LEU A 7 11.52 23.29 -20.37
N ASP A 8 10.72 23.15 -19.32
CA ASP A 8 10.97 23.86 -18.06
C ASP A 8 11.77 23.04 -17.04
N SER A 9 12.48 22.00 -17.48
CA SER A 9 13.22 21.10 -16.58
C SER A 9 14.54 20.72 -17.25
N ALA A 10 15.17 19.65 -16.77
CA ALA A 10 16.47 19.21 -17.26
C ALA A 10 16.58 17.70 -17.12
N MET A 11 17.03 17.04 -18.18
CA MET A 11 17.06 15.59 -18.28
C MET A 11 18.52 15.12 -18.29
N SER A 12 18.89 14.28 -17.31
CA SER A 12 20.18 13.62 -17.28
C SER A 12 20.14 12.33 -18.10
N TYR A 13 21.29 11.94 -18.63
CA TYR A 13 21.30 10.77 -19.46
C TYR A 13 22.71 10.20 -19.58
N ILE A 14 22.77 8.86 -19.65
CA ILE A 14 23.96 8.15 -20.08
C ILE A 14 24.17 8.38 -21.57
N ASP A 15 25.44 8.53 -21.98
CA ASP A 15 25.80 8.72 -23.39
C ASP A 15 27.21 8.15 -23.50
N VAL A 16 27.31 6.89 -23.93
CA VAL A 16 28.59 6.21 -24.04
C VAL A 16 28.66 5.53 -25.39
N GLY A 17 29.79 5.69 -26.09
CA GLY A 17 30.01 4.97 -27.33
C GLY A 17 29.82 5.83 -28.55
N GLN A 18 30.07 5.20 -29.71
CA GLN A 18 30.08 5.86 -31.01
C GLN A 18 29.18 5.12 -31.99
N GLY A 19 28.68 5.87 -32.97
CA GLY A 19 27.90 5.30 -34.06
C GLY A 19 26.43 5.64 -33.99
N ASP A 20 25.64 4.91 -34.76
CA ASP A 20 24.20 5.10 -34.77
C ASP A 20 23.62 4.89 -33.37
N PRO A 21 22.53 5.59 -33.02
CA PRO A 21 22.06 5.60 -31.62
C PRO A 21 21.28 4.36 -31.20
N ILE A 22 21.48 3.98 -29.95
CA ILE A 22 20.74 2.93 -29.28
C ILE A 22 20.23 3.55 -27.99
N VAL A 23 18.91 3.72 -27.89
CA VAL A 23 18.27 4.48 -26.84
C VAL A 23 17.52 3.53 -25.91
N PHE A 24 17.89 3.56 -24.62
CA PHE A 24 17.35 2.68 -23.59
C PHE A 24 16.35 3.48 -22.75
N LEU A 25 15.10 3.04 -22.72
CA LEU A 25 14.02 3.76 -22.02
C LEU A 25 13.52 2.91 -20.87
N HIS A 26 13.72 3.40 -19.64
CA HIS A 26 13.26 2.74 -18.43
C HIS A 26 11.80 3.11 -18.11
N GLY A 27 11.27 2.50 -17.08
CA GLY A 27 9.90 2.74 -16.64
C GLY A 27 9.84 3.09 -15.17
N ASN A 28 8.79 2.63 -14.53
CA ASN A 28 8.43 3.05 -13.19
C ASN A 28 8.77 1.95 -12.18
N PRO A 29 9.45 2.23 -11.06
CA PRO A 29 10.04 3.52 -10.64
C PRO A 29 11.53 3.54 -10.86
N THR A 30 12.00 3.18 -12.04
CA THR A 30 13.43 2.97 -12.20
C THR A 30 14.11 4.18 -12.86
N SER A 31 15.25 3.95 -13.49
CA SER A 31 15.99 5.01 -14.17
C SER A 31 17.00 4.32 -15.08
N SER A 32 17.87 5.12 -15.70
CA SER A 32 18.93 4.55 -16.52
C SER A 32 19.73 3.51 -15.76
N TYR A 33 19.72 3.58 -14.43
CA TYR A 33 20.40 2.60 -13.60
C TYR A 33 20.01 1.18 -13.97
N LEU A 34 18.75 0.98 -14.33
CA LEU A 34 18.25 -0.36 -14.62
C LEU A 34 19.00 -1.01 -15.77
N TRP A 35 19.56 -0.19 -16.67
CA TRP A 35 20.23 -0.65 -17.87
C TRP A 35 21.74 -0.78 -17.71
N ARG A 36 22.26 -0.59 -16.49
CA ARG A 36 23.71 -0.44 -16.31
C ARG A 36 24.50 -1.67 -16.77
N ASN A 37 23.95 -2.87 -16.62
CA ASN A 37 24.66 -4.10 -17.00
C ASN A 37 24.30 -4.58 -18.39
N VAL A 38 23.41 -3.88 -19.08
CA VAL A 38 23.01 -4.22 -20.44
C VAL A 38 23.78 -3.39 -21.45
N ILE A 39 23.96 -2.11 -21.10
CA ILE A 39 24.67 -1.18 -21.99
C ILE A 39 26.07 -1.64 -22.35
N PRO A 40 26.86 -2.25 -21.45
CA PRO A 40 28.23 -2.63 -21.85
C PRO A 40 28.25 -3.68 -22.94
N HIS A 41 27.15 -4.41 -23.15
CA HIS A 41 27.09 -5.31 -24.29
C HIS A 41 26.84 -4.57 -25.59
N LEU A 42 26.68 -3.25 -25.55
CA LEU A 42 26.30 -2.49 -26.73
C LEU A 42 27.21 -1.30 -27.01
N SER A 43 27.96 -0.81 -26.03
CA SER A 43 28.67 0.45 -26.17
C SER A 43 29.84 0.39 -27.15
N ASP A 44 30.25 -0.80 -27.60
CA ASP A 44 31.25 -0.90 -28.66
C ASP A 44 30.64 -1.08 -30.04
N VAL A 45 29.31 -1.22 -30.16
CA VAL A 45 28.64 -1.37 -31.45
C VAL A 45 27.62 -0.26 -31.69
N GLY A 46 27.61 0.78 -30.87
CA GLY A 46 26.66 1.85 -31.08
C GLY A 46 26.80 2.91 -30.00
N ARG A 47 26.20 4.07 -30.28
CA ARG A 47 26.12 5.15 -29.29
C ARG A 47 24.95 4.88 -28.36
N CYS A 48 25.25 4.48 -27.12
CA CYS A 48 24.22 4.13 -26.16
C CYS A 48 23.82 5.34 -25.33
N LEU A 49 22.53 5.65 -25.38
CA LEU A 49 21.95 6.77 -24.65
C LEU A 49 20.84 6.23 -23.79
N ALA A 50 20.80 6.66 -22.52
CA ALA A 50 19.80 6.17 -21.56
C ALA A 50 19.38 7.34 -20.67
N PRO A 51 18.27 7.99 -20.98
CA PRO A 51 17.82 9.13 -20.17
C PRO A 51 17.00 8.69 -18.97
N ASP A 52 17.14 9.47 -17.90
CA ASP A 52 16.23 9.41 -16.75
C ASP A 52 15.05 10.33 -17.00
N LEU A 53 13.84 9.79 -16.90
CA LEU A 53 12.64 10.59 -17.13
C LEU A 53 12.51 11.69 -16.07
N ILE A 54 11.86 12.79 -16.46
CA ILE A 54 11.69 13.91 -15.54
C ILE A 54 10.98 13.45 -14.27
N GLY A 55 11.47 13.95 -13.14
CA GLY A 55 11.04 13.56 -11.81
C GLY A 55 11.61 12.25 -11.33
N MET A 56 12.50 11.61 -12.09
CA MET A 56 13.04 10.29 -11.79
C MET A 56 14.56 10.28 -11.94
N GLY A 57 15.18 9.30 -11.29
CA GLY A 57 16.62 9.15 -11.44
C GLY A 57 17.35 10.41 -11.01
N ALA A 58 18.31 10.82 -11.85
CA ALA A 58 19.14 12.00 -11.61
C ALA A 58 18.63 13.25 -12.30
N SER A 59 17.46 13.19 -12.95
CA SER A 59 16.97 14.32 -13.73
C SER A 59 16.31 15.38 -12.85
N GLY A 60 16.08 16.55 -13.43
CA GLY A 60 15.27 17.56 -12.78
C GLY A 60 13.82 17.11 -12.58
N THR A 61 13.06 17.93 -11.90
CA THR A 61 11.65 17.64 -11.66
C THR A 61 10.78 18.59 -12.48
N SER A 62 9.47 18.32 -12.48
CA SER A 62 8.51 19.19 -13.14
C SER A 62 8.10 20.29 -12.17
N PRO A 63 8.38 21.56 -12.45
CA PRO A 63 8.02 22.61 -11.47
C PRO A 63 6.51 22.77 -11.31
N THR A 64 5.71 22.35 -12.29
CA THR A 64 4.24 22.36 -12.18
C THR A 64 3.69 20.99 -11.78
N PHE A 65 4.56 20.04 -11.47
CA PHE A 65 4.13 18.71 -11.05
C PHE A 65 3.26 18.06 -12.13
N SER A 66 3.66 18.27 -13.39
CA SER A 66 2.94 17.74 -14.56
C SER A 66 3.59 16.40 -14.91
N TYR A 67 2.98 15.30 -14.44
CA TYR A 67 3.63 13.99 -14.49
C TYR A 67 2.75 12.96 -15.20
N ARG A 68 1.85 13.40 -16.07
CA ARG A 68 1.05 12.48 -16.85
C ARG A 68 1.88 11.97 -18.03
N PHE A 69 1.42 10.85 -18.62
CA PHE A 69 2.08 10.29 -19.79
C PHE A 69 2.27 11.33 -20.87
N ALA A 70 1.26 12.18 -21.11
CA ALA A 70 1.41 13.23 -22.11
C ALA A 70 2.56 14.18 -21.78
N ASP A 71 2.73 14.51 -20.49
CA ASP A 71 3.85 15.36 -20.09
C ASP A 71 5.19 14.68 -20.35
N HIS A 72 5.30 13.40 -19.97
CA HIS A 72 6.55 12.70 -20.20
C HIS A 72 6.84 12.60 -21.70
N VAL A 73 5.81 12.41 -22.52
CA VAL A 73 6.02 12.42 -23.96
C VAL A 73 6.65 13.75 -24.39
N ARG A 74 6.13 14.87 -23.87
CA ARG A 74 6.66 16.16 -24.29
C ARG A 74 8.11 16.35 -23.84
N TYR A 75 8.41 15.97 -22.58
CA TYR A 75 9.78 16.10 -22.07
C TYR A 75 10.76 15.24 -22.88
N LEU A 76 10.40 13.97 -23.12
CA LEU A 76 11.29 13.09 -23.87
C LEU A 76 11.42 13.55 -25.33
N ASP A 77 10.35 14.06 -25.93
CA ASP A 77 10.47 14.61 -27.28
C ASP A 77 11.51 15.72 -27.30
N ALA A 78 11.44 16.61 -26.30
CA ALA A 78 12.41 17.70 -26.20
C ALA A 78 13.82 17.16 -26.06
N TRP A 79 13.97 16.04 -25.34
CA TRP A 79 15.28 15.43 -25.19
C TRP A 79 15.79 14.87 -26.52
N PHE A 80 14.94 14.13 -27.24
CA PHE A 80 15.34 13.61 -28.55
C PHE A 80 15.82 14.75 -29.44
N GLU A 81 15.06 15.85 -29.46
CA GLU A 81 15.40 16.98 -30.34
C GLU A 81 16.68 17.66 -29.89
N ALA A 82 16.82 17.92 -28.59
CA ALA A 82 17.99 18.65 -28.11
C ALA A 82 19.27 17.87 -28.40
N VAL A 83 19.25 16.56 -28.20
CA VAL A 83 20.46 15.76 -28.39
C VAL A 83 20.65 15.39 -29.85
N GLY A 84 19.61 15.53 -30.67
CA GLY A 84 19.75 15.16 -32.08
C GLY A 84 19.61 13.68 -32.38
N ILE A 85 18.81 12.96 -31.61
CA ILE A 85 18.63 11.52 -31.81
C ILE A 85 17.43 11.32 -32.71
N THR A 86 17.61 11.54 -34.02
CA THR A 86 16.49 11.52 -34.96
C THR A 86 16.74 10.65 -36.19
N GLU A 87 17.83 9.88 -36.23
CA GLU A 87 18.13 9.06 -37.39
C GLU A 87 18.65 7.70 -36.95
N ASN A 88 18.12 6.63 -37.56
CA ASN A 88 18.61 5.26 -37.35
C ASN A 88 18.63 4.89 -35.87
N VAL A 89 17.53 5.13 -35.18
CA VAL A 89 17.46 4.88 -33.74
C VAL A 89 17.05 3.43 -33.50
N VAL A 90 17.79 2.73 -32.66
CA VAL A 90 17.33 1.46 -32.09
C VAL A 90 16.79 1.77 -30.69
N LEU A 91 15.50 1.50 -30.47
CA LEU A 91 14.90 1.67 -29.16
C LEU A 91 15.01 0.36 -28.39
N VAL A 92 15.39 0.47 -27.13
CA VAL A 92 15.48 -0.65 -26.22
C VAL A 92 14.66 -0.26 -25.00
N VAL A 93 13.46 -0.83 -24.86
CA VAL A 93 12.44 -0.23 -24.01
C VAL A 93 11.79 -1.25 -23.09
N HIS A 94 11.25 -0.75 -21.97
CA HIS A 94 10.68 -1.54 -20.89
C HIS A 94 9.60 -0.74 -20.18
N ASP A 95 8.47 -1.39 -19.86
CA ASP A 95 7.42 -0.79 -18.98
C ASP A 95 6.96 0.53 -19.61
N TRP A 96 6.88 1.62 -18.85
CA TRP A 96 6.44 2.87 -19.45
C TRP A 96 7.43 3.34 -20.51
N GLY A 97 8.71 2.95 -20.38
CA GLY A 97 9.66 3.20 -21.45
C GLY A 97 9.17 2.71 -22.79
N SER A 98 8.57 1.51 -22.81
CA SER A 98 8.00 1.01 -24.06
C SER A 98 6.90 1.94 -24.56
N ALA A 99 6.01 2.35 -23.66
CA ALA A 99 4.93 3.24 -24.07
C ALA A 99 5.52 4.49 -24.71
N LEU A 100 6.60 5.01 -24.12
CA LEU A 100 7.16 6.25 -24.65
C LEU A 100 7.83 5.98 -25.98
N GLY A 101 8.52 4.85 -26.09
CA GLY A 101 9.23 4.57 -27.33
C GLY A 101 8.27 4.15 -28.43
N PHE A 102 7.30 3.29 -28.09
CA PHE A 102 6.26 2.93 -29.04
C PHE A 102 5.61 4.19 -29.62
N TYR A 103 5.13 5.06 -28.73
CA TYR A 103 4.49 6.30 -29.18
C TYR A 103 5.41 7.09 -30.10
N ARG A 104 6.70 7.12 -29.77
CA ARG A 104 7.62 7.90 -30.59
C ARG A 104 7.72 7.27 -31.98
N ALA A 105 7.84 5.94 -32.02
CA ALA A 105 7.92 5.28 -33.32
C ALA A 105 6.64 5.49 -34.09
N LEU A 106 5.52 5.60 -33.38
CA LEU A 106 4.26 5.89 -34.05
C LEU A 106 4.32 7.19 -34.83
N ARG A 107 4.90 8.23 -34.22
CA ARG A 107 4.82 9.55 -34.84
C ARG A 107 6.02 9.86 -35.72
N TYR A 108 7.15 9.20 -35.51
CA TYR A 108 8.35 9.42 -36.31
C TYR A 108 8.96 8.09 -36.76
N PRO A 109 8.20 7.25 -37.48
CA PRO A 109 8.74 5.92 -37.84
C PRO A 109 9.97 5.99 -38.75
N GLU A 110 10.09 7.05 -39.55
CA GLU A 110 11.27 7.21 -40.39
C GLU A 110 12.54 7.31 -39.57
N GLN A 111 12.44 7.65 -38.29
CA GLN A 111 13.62 7.82 -37.45
C GLN A 111 14.08 6.54 -36.79
N ILE A 112 13.29 5.47 -36.87
CA ILE A 112 13.50 4.26 -36.08
C ILE A 112 14.02 3.16 -37.00
N ALA A 113 15.19 2.62 -36.66
CA ALA A 113 15.74 1.47 -37.35
C ALA A 113 15.28 0.13 -36.76
N GLY A 114 14.97 0.08 -35.46
CA GLY A 114 14.52 -1.16 -34.87
C GLY A 114 14.07 -0.93 -33.44
N ILE A 115 13.31 -1.90 -32.91
CA ILE A 115 12.77 -1.80 -31.57
C ILE A 115 12.98 -3.13 -30.85
N ALA A 116 13.69 -3.09 -29.73
CA ALA A 116 13.79 -4.23 -28.83
C ALA A 116 13.02 -3.89 -27.57
N TYR A 117 12.05 -4.73 -27.20
CA TYR A 117 11.18 -4.43 -26.08
C TYR A 117 11.02 -5.64 -25.17
N MET A 118 10.69 -5.36 -23.93
CA MET A 118 10.57 -6.37 -22.89
C MET A 118 9.56 -5.88 -21.86
N ASP A 119 8.73 -6.80 -21.38
CA ASP A 119 7.64 -6.53 -20.43
C ASP A 119 7.05 -5.15 -20.69
N ALA A 120 6.53 -5.01 -21.89
CA ALA A 120 6.12 -3.76 -22.50
C ALA A 120 4.60 -3.59 -22.41
N LEU A 121 4.16 -2.33 -22.53
CA LEU A 121 2.75 -1.97 -22.69
C LEU A 121 2.41 -2.04 -24.18
N VAL A 122 1.98 -3.22 -24.65
CA VAL A 122 1.80 -3.41 -26.09
C VAL A 122 0.41 -3.05 -26.60
N GLN A 123 -0.53 -2.77 -25.70
CA GLN A 123 -1.89 -2.43 -26.05
C GLN A 123 -2.58 -2.05 -24.74
N PRO A 124 -3.76 -1.43 -24.76
CA PRO A 124 -4.44 -1.15 -23.50
C PRO A 124 -4.65 -2.44 -22.70
N ARG A 125 -4.57 -2.31 -21.38
CA ARG A 125 -4.63 -3.46 -20.48
C ARG A 125 -6.07 -3.82 -20.11
N THR A 126 -6.24 -5.06 -19.62
CA THR A 126 -7.43 -5.54 -18.91
C THR A 126 -6.99 -5.99 -17.54
N TRP A 127 -7.93 -5.99 -16.59
CA TRP A 127 -7.58 -6.33 -15.21
C TRP A 127 -7.11 -7.78 -15.09
N ALA A 128 -7.68 -8.69 -15.89
CA ALA A 128 -7.21 -10.08 -15.90
C ALA A 128 -5.70 -10.16 -16.13
N GLY A 129 -5.19 -9.42 -17.12
CA GLY A 129 -3.79 -9.50 -17.45
C GLY A 129 -2.85 -9.06 -16.34
N PHE A 130 -3.38 -8.33 -15.35
CA PHE A 130 -2.53 -7.92 -14.23
C PHE A 130 -2.11 -9.10 -13.37
N THR A 131 -2.86 -10.22 -13.45
CA THR A 131 -2.68 -11.40 -12.62
C THR A 131 -2.28 -11.02 -11.19
N ASP A 132 -1.07 -11.40 -10.78
CA ASP A 132 -0.62 -11.24 -9.39
C ASP A 132 -0.65 -9.80 -8.91
N TYR A 133 -0.56 -8.83 -9.81
CA TYR A 133 -0.51 -7.43 -9.43
C TYR A 133 -1.87 -6.78 -9.31
N GLU A 134 -2.95 -7.48 -9.64
CA GLU A 134 -4.25 -6.79 -9.70
C GLU A 134 -4.64 -6.11 -8.39
N PRO A 135 -4.59 -6.77 -7.22
CA PRO A 135 -5.00 -6.05 -6.00
C PRO A 135 -4.20 -4.79 -5.71
N LEU A 136 -2.88 -4.81 -5.94
CA LEU A 136 -2.08 -3.62 -5.67
C LEU A 136 -2.43 -2.49 -6.62
N MET A 137 -2.41 -2.76 -7.93
CA MET A 137 -2.65 -1.70 -8.90
C MET A 137 -4.06 -1.13 -8.77
N ARG A 138 -5.05 -2.00 -8.57
CA ARG A 138 -6.39 -1.53 -8.25
C ARG A 138 -6.34 -0.54 -7.08
N ALA A 139 -5.71 -0.94 -5.98
CA ALA A 139 -5.70 -0.07 -4.81
C ALA A 139 -4.99 1.25 -5.11
N LEU A 140 -3.95 1.21 -5.96
CA LEU A 140 -3.22 2.45 -6.25
C LEU A 140 -4.08 3.44 -7.01
N ARG A 141 -5.13 2.96 -7.69
CA ARG A 141 -5.98 3.83 -8.47
C ARG A 141 -7.22 4.27 -7.69
N THR A 142 -7.32 3.89 -6.43
CA THR A 142 -8.30 4.42 -5.51
C THR A 142 -7.61 5.43 -4.59
N GLU A 143 -8.38 5.98 -3.66
CA GLU A 143 -7.87 7.00 -2.76
C GLU A 143 -6.76 6.48 -1.84
N GLN A 144 -6.64 5.16 -1.69
CA GLN A 144 -5.54 4.60 -0.91
C GLN A 144 -4.18 4.89 -1.54
N GLY A 145 -4.15 5.21 -2.82
CA GLY A 145 -2.89 5.28 -3.55
C GLY A 145 -1.94 6.31 -2.97
N GLU A 146 -2.48 7.49 -2.61
CA GLU A 146 -1.65 8.54 -2.04
C GLU A 146 -0.89 8.03 -0.82
N ARG A 147 -1.55 7.21 0.02
CA ARG A 147 -0.86 6.66 1.17
C ARG A 147 0.18 5.64 0.74
N MET A 148 -0.21 4.74 -0.18
CA MET A 148 0.68 3.62 -0.50
C MET A 148 1.88 4.10 -1.30
N ALA A 149 1.65 4.95 -2.30
CA ALA A 149 2.75 5.39 -3.14
C ALA A 149 3.54 6.53 -2.48
N LEU A 150 2.86 7.52 -1.93
CA LEU A 150 3.59 8.69 -1.46
C LEU A 150 4.08 8.54 -0.03
N ALA A 151 3.17 8.19 0.88
CA ALA A 151 3.56 8.06 2.27
C ALA A 151 4.41 6.82 2.50
N GLU A 152 4.16 5.72 1.76
CA GLU A 152 4.81 4.44 2.01
C GLU A 152 5.80 4.00 0.92
N ASN A 153 5.94 4.77 -0.16
CA ASN A 153 6.95 4.51 -1.20
C ASN A 153 6.89 3.06 -1.72
N VAL A 154 5.67 2.58 -1.98
CA VAL A 154 5.45 1.15 -2.24
C VAL A 154 6.19 0.67 -3.49
N PHE A 155 6.35 1.53 -4.50
CA PHE A 155 6.96 1.04 -5.73
C PHE A 155 8.41 0.68 -5.51
N VAL A 156 9.14 1.51 -4.75
CA VAL A 156 10.57 1.28 -4.54
C VAL A 156 10.78 0.20 -3.48
N GLU A 157 10.05 0.28 -2.36
CA GLU A 157 10.27 -0.65 -1.25
C GLU A 157 9.63 -2.02 -1.47
N LYS A 158 8.65 -2.13 -2.34
CA LYS A 158 7.99 -3.41 -2.48
C LYS A 158 7.94 -3.90 -3.91
N VAL A 159 7.60 -3.03 -4.87
CA VAL A 159 7.45 -3.53 -6.24
C VAL A 159 8.79 -3.89 -6.82
N VAL A 160 9.83 -3.08 -6.56
CA VAL A 160 11.14 -3.37 -7.12
C VAL A 160 11.63 -4.70 -6.56
N PRO A 161 11.76 -4.88 -5.23
CA PRO A 161 12.16 -6.21 -4.73
C PRO A 161 11.26 -7.35 -5.18
N GLY A 162 9.95 -7.12 -5.25
CA GLY A 162 9.05 -8.15 -5.72
C GLY A 162 9.26 -8.55 -7.17
N GLY A 163 9.82 -7.65 -7.98
CA GLY A 163 9.96 -7.89 -9.39
C GLY A 163 11.33 -8.39 -9.81
N VAL A 164 12.14 -8.82 -8.84
N VAL A 164 12.16 -8.81 -8.86
CA VAL A 164 13.48 -9.33 -9.09
CA VAL A 164 13.48 -9.34 -9.16
C VAL A 164 13.58 -10.69 -8.42
C VAL A 164 13.63 -10.66 -8.42
N GLN A 165 14.17 -11.66 -9.12
CA GLN A 165 14.28 -13.01 -8.58
C GLN A 165 15.44 -13.12 -7.59
N ARG A 166 16.60 -12.63 -7.96
CA ARG A 166 17.69 -12.57 -7.00
C ARG A 166 17.40 -11.52 -5.92
N GLN A 167 18.25 -11.51 -4.91
CA GLN A 167 18.14 -10.58 -3.79
C GLN A 167 18.97 -9.34 -4.10
N LEU A 168 18.35 -8.17 -4.05
CA LEU A 168 19.10 -6.94 -4.30
C LEU A 168 20.00 -6.60 -3.13
N THR A 169 21.20 -6.11 -3.42
CA THR A 169 22.06 -5.63 -2.35
C THR A 169 21.46 -4.37 -1.72
N GLU A 170 22.05 -3.98 -0.58
CA GLU A 170 21.61 -2.75 0.06
C GLU A 170 22.01 -1.52 -0.74
N GLU A 171 23.13 -1.59 -1.44
CA GLU A 171 23.55 -0.48 -2.30
C GLU A 171 22.60 -0.32 -3.49
N GLU A 172 22.15 -1.44 -4.06
CA GLU A 172 21.20 -1.37 -5.18
C GLU A 172 19.90 -0.70 -4.76
N MET A 173 19.38 -1.11 -3.60
CA MET A 173 18.15 -0.51 -3.12
C MET A 173 18.36 0.96 -2.74
N ALA A 174 19.53 1.28 -2.18
CA ALA A 174 19.83 2.68 -1.92
C ALA A 174 19.81 3.49 -3.21
N VAL A 175 20.34 2.93 -4.30
CA VAL A 175 20.32 3.69 -5.55
C VAL A 175 18.89 3.90 -6.02
N TYR A 176 18.07 2.86 -5.93
CA TYR A 176 16.68 3.00 -6.41
C TYR A 176 15.86 3.96 -5.55
N ARG A 177 16.19 4.05 -4.25
CA ARG A 177 15.54 4.93 -3.28
C ARG A 177 15.99 6.37 -3.38
N THR A 178 17.20 6.60 -3.90
CA THR A 178 17.78 7.94 -3.94
C THR A 178 16.90 9.03 -4.53
N PRO A 179 16.15 8.82 -5.63
CA PRO A 179 15.33 9.94 -6.15
C PRO A 179 14.08 10.24 -5.32
N TYR A 180 13.72 9.41 -4.33
CA TYR A 180 12.40 9.44 -3.72
C TYR A 180 12.50 9.57 -2.20
N PRO A 181 13.21 10.60 -1.70
CA PRO A 181 13.40 10.69 -0.24
C PRO A 181 12.19 11.17 0.53
N THR A 182 11.21 11.79 -0.11
CA THR A 182 10.08 12.38 0.59
C THR A 182 8.78 11.98 -0.09
N PRO A 183 7.65 12.06 0.63
CA PRO A 183 6.37 11.75 -0.06
C PRO A 183 6.14 12.66 -1.24
N GLN A 184 6.46 13.94 -1.11
CA GLN A 184 6.22 14.87 -2.20
C GLN A 184 7.13 14.64 -3.40
N SER A 185 8.15 13.79 -3.26
CA SER A 185 9.02 13.43 -4.37
C SER A 185 8.56 12.19 -5.13
N ARG A 186 7.54 11.47 -4.63
CA ARG A 186 7.12 10.18 -5.17
C ARG A 186 5.87 10.27 -6.05
N ILE A 187 5.42 11.49 -6.37
CA ILE A 187 4.27 11.65 -7.24
C ILE A 187 4.44 10.98 -8.59
N PRO A 188 5.62 11.01 -9.24
CA PRO A 188 5.74 10.30 -10.52
C PRO A 188 5.38 8.83 -10.44
N THR A 189 5.69 8.15 -9.34
CA THR A 189 5.39 6.73 -9.25
C THR A 189 3.88 6.49 -9.17
N LEU A 190 3.19 7.34 -8.39
CA LEU A 190 1.73 7.21 -8.30
C LEU A 190 1.08 7.51 -9.63
N LEU A 191 1.51 8.60 -10.30
CA LEU A 191 0.95 8.94 -11.59
C LEU A 191 1.15 7.83 -12.61
N TRP A 192 2.36 7.23 -12.65
CA TRP A 192 2.56 6.13 -13.59
C TRP A 192 1.58 5.01 -13.33
N ALA A 193 1.28 4.75 -12.05
CA ALA A 193 0.28 3.72 -11.78
C ALA A 193 -1.11 4.14 -12.29
N ARG A 194 -1.49 5.40 -12.08
CA ARG A 194 -2.83 5.85 -12.45
C ARG A 194 -3.00 6.10 -13.94
N GLU A 195 -1.89 6.18 -14.69
CA GLU A 195 -1.95 6.47 -16.12
C GLU A 195 -2.11 5.22 -16.97
N ILE A 196 -1.96 4.04 -16.38
CA ILE A 196 -2.07 2.81 -17.18
C ILE A 196 -3.45 2.75 -17.80
N PRO A 197 -3.58 2.57 -19.09
CA PRO A 197 -4.90 2.39 -19.68
C PRO A 197 -5.44 1.01 -19.35
N VAL A 198 -6.50 0.96 -18.56
CA VAL A 198 -7.12 -0.29 -18.16
C VAL A 198 -8.58 -0.21 -18.55
N GLU A 199 -8.96 -0.96 -19.58
CA GLU A 199 -10.37 -1.11 -19.98
C GLU A 199 -11.04 0.23 -20.19
N GLY A 200 -10.30 1.19 -20.75
CA GLY A 200 -10.85 2.43 -21.23
C GLY A 200 -10.33 3.68 -20.54
N GLU A 201 -9.80 3.56 -19.32
CA GLU A 201 -9.45 4.73 -18.51
C GLU A 201 -7.99 4.68 -18.07
N PRO A 202 -7.27 5.81 -18.10
CA PRO A 202 -7.75 7.10 -18.63
C PRO A 202 -7.91 7.08 -20.17
N ALA A 203 -8.93 7.79 -20.66
CA ALA A 203 -9.30 7.66 -22.06
C ALA A 203 -8.24 8.25 -22.98
N ASP A 204 -7.51 9.30 -22.57
CA ASP A 204 -6.53 9.89 -23.49
CA ASP A 204 -6.53 9.89 -23.48
C ASP A 204 -5.33 8.96 -23.67
N VAL A 205 -4.87 8.33 -22.60
CA VAL A 205 -3.76 7.39 -22.74
C VAL A 205 -4.23 6.14 -23.47
N GLN A 206 -5.45 5.69 -23.18
CA GLN A 206 -5.99 4.56 -23.91
C GLN A 206 -5.94 4.83 -25.40
N ALA A 207 -6.34 6.04 -25.81
CA ALA A 207 -6.29 6.38 -27.23
C ALA A 207 -4.86 6.31 -27.77
N MET A 208 -3.91 6.95 -27.08
CA MET A 208 -2.54 6.97 -27.60
C MET A 208 -1.98 5.55 -27.75
N VAL A 209 -2.17 4.74 -26.72
CA VAL A 209 -1.67 3.37 -26.69
C VAL A 209 -2.36 2.52 -27.75
N GLN A 210 -3.69 2.66 -27.89
CA GLN A 210 -4.38 1.94 -28.96
C GLN A 210 -3.82 2.32 -30.30
N GLU A 211 -3.48 3.60 -30.49
CA GLU A 211 -2.96 4.04 -31.78
C GLU A 211 -1.63 3.35 -32.09
N TYR A 212 -0.71 3.35 -31.11
CA TYR A 212 0.57 2.73 -31.45
C TYR A 212 0.44 1.21 -31.51
N ALA A 213 -0.50 0.61 -30.78
CA ALA A 213 -0.73 -0.84 -30.95
C ALA A 213 -1.25 -1.13 -32.36
N ASP A 214 -2.19 -0.32 -32.85
CA ASP A 214 -2.68 -0.53 -34.21
C ASP A 214 -1.55 -0.37 -35.22
N PHE A 215 -0.63 0.55 -34.96
CA PHE A 215 0.45 0.80 -35.92
C PHE A 215 1.51 -0.30 -35.90
N LEU A 216 2.01 -0.63 -34.70
CA LEU A 216 3.07 -1.62 -34.58
C LEU A 216 2.60 -3.01 -35.00
N SER A 217 1.31 -3.34 -34.80
CA SER A 217 0.84 -4.63 -35.29
C SER A 217 0.82 -4.71 -36.80
N ARG A 218 1.02 -3.60 -37.50
CA ARG A 218 1.12 -3.61 -38.97
C ARG A 218 2.42 -3.02 -39.48
N SER A 219 3.36 -2.66 -38.60
CA SER A 219 4.58 -1.97 -39.03
C SER A 219 5.71 -2.95 -39.32
N ASP A 220 6.43 -2.71 -40.42
CA ASP A 220 7.52 -3.58 -40.81
C ASP A 220 8.86 -3.16 -40.22
N ILE A 221 8.84 -2.29 -39.21
CA ILE A 221 10.05 -1.97 -38.44
C ILE A 221 10.58 -3.25 -37.80
N PRO A 222 11.89 -3.53 -37.87
CA PRO A 222 12.43 -4.74 -37.23
C PRO A 222 12.28 -4.70 -35.72
N LYS A 223 11.86 -5.83 -35.16
CA LYS A 223 11.59 -5.91 -33.73
C LYS A 223 12.25 -7.14 -33.10
N LEU A 224 12.72 -6.94 -31.87
CA LEU A 224 13.13 -8.01 -30.96
C LEU A 224 12.22 -7.97 -29.75
N LEU A 225 11.51 -9.06 -29.50
CA LEU A 225 10.71 -9.25 -28.30
C LEU A 225 11.48 -10.16 -27.36
N ILE A 226 11.84 -9.62 -26.19
CA ILE A 226 12.50 -10.38 -25.16
C ILE A 226 11.44 -10.71 -24.11
N VAL A 227 11.18 -12.01 -23.95
CA VAL A 227 10.15 -12.52 -23.05
C VAL A 227 10.85 -13.04 -21.80
N ALA A 228 10.44 -12.51 -20.66
CA ALA A 228 10.93 -13.04 -19.38
C ALA A 228 10.05 -14.20 -18.93
N GLU A 229 10.68 -15.19 -18.33
CA GLU A 229 10.02 -16.30 -17.70
C GLU A 229 10.29 -16.22 -16.21
N PRO A 230 9.27 -16.13 -15.35
CA PRO A 230 7.83 -16.10 -15.69
C PRO A 230 7.33 -14.77 -16.22
N GLY A 231 8.16 -13.71 -16.13
CA GLY A 231 7.72 -12.38 -16.54
C GLY A 231 6.62 -11.83 -15.64
N ALA A 232 5.96 -10.78 -16.14
CA ALA A 232 4.89 -10.11 -15.39
C ALA A 232 3.81 -9.61 -16.34
N ILE A 233 4.01 -8.43 -16.95
CA ILE A 233 3.04 -7.92 -17.93
C ILE A 233 2.90 -8.91 -19.09
N LEU A 234 4.01 -9.27 -19.72
CA LEU A 234 4.00 -10.21 -20.83
C LEU A 234 4.38 -11.58 -20.29
N HIS A 235 3.39 -12.47 -20.22
CA HIS A 235 3.52 -13.76 -19.56
C HIS A 235 2.78 -14.82 -20.36
N GLU A 236 3.26 -16.07 -20.27
CA GLU A 236 2.67 -17.13 -21.07
C GLU A 236 1.20 -17.32 -20.71
N GLY A 237 0.39 -17.59 -21.72
CA GLY A 237 -1.04 -17.63 -21.57
C GLY A 237 -1.73 -16.28 -21.58
N GLY A 238 -0.99 -15.17 -21.50
CA GLY A 238 -1.62 -13.86 -21.38
C GLY A 238 -2.03 -13.26 -22.72
N SER A 239 -3.09 -12.47 -22.70
CA SER A 239 -3.60 -11.86 -23.93
C SER A 239 -2.63 -10.86 -24.51
N GLU A 240 -1.93 -10.12 -23.65
CA GLU A 240 -1.01 -9.10 -24.13
C GLU A 240 0.20 -9.72 -24.81
N LEU A 241 0.80 -10.77 -24.21
CA LEU A 241 1.91 -11.44 -24.88
C LEU A 241 1.47 -12.06 -26.21
N ASP A 242 0.24 -12.59 -26.26
CA ASP A 242 -0.28 -13.16 -27.51
C ASP A 242 -0.33 -12.09 -28.60
N PHE A 243 -0.89 -10.92 -28.27
CA PHE A 243 -0.89 -9.81 -29.22
C PHE A 243 0.54 -9.42 -29.64
N ALA A 244 1.46 -9.25 -28.67
CA ALA A 244 2.84 -8.93 -29.00
C ALA A 244 3.43 -9.94 -30.00
N ARG A 245 3.15 -11.22 -29.77
CA ARG A 245 3.64 -12.29 -30.64
C ARG A 245 3.02 -12.23 -32.02
N SER A 246 1.91 -11.51 -32.19
CA SER A 246 1.38 -11.31 -33.55
C SER A 246 2.12 -10.27 -34.39
N TRP A 247 3.04 -9.50 -33.80
CA TRP A 247 3.60 -8.36 -34.54
C TRP A 247 4.55 -8.82 -35.64
N PRO A 248 4.61 -8.09 -36.76
CA PRO A 248 5.42 -8.52 -37.90
C PRO A 248 6.89 -8.10 -37.81
N ASN A 249 7.72 -8.78 -38.63
CA ASN A 249 9.18 -8.53 -38.72
C ASN A 249 9.85 -8.57 -37.35
N GLN A 250 9.55 -9.63 -36.61
CA GLN A 250 9.87 -9.74 -35.20
C GLN A 250 10.53 -11.07 -34.93
N ARG A 251 11.56 -11.07 -34.10
CA ARG A 251 12.11 -12.28 -33.53
C ARG A 251 11.90 -12.24 -32.03
N GLU A 252 11.92 -13.42 -31.41
CA GLU A 252 11.68 -13.55 -29.99
C GLU A 252 12.84 -14.27 -29.33
N VAL A 253 13.16 -13.85 -28.11
CA VAL A 253 14.19 -14.48 -27.28
C VAL A 253 13.65 -14.58 -25.86
N LYS A 254 13.94 -15.70 -25.19
CA LYS A 254 13.44 -15.90 -23.84
C LYS A 254 14.58 -15.80 -22.85
N VAL A 255 14.33 -15.19 -21.69
CA VAL A 255 15.32 -15.09 -20.63
C VAL A 255 14.59 -15.28 -19.31
N ALA A 256 15.35 -15.56 -18.26
CA ALA A 256 14.79 -15.68 -16.92
C ALA A 256 14.59 -14.30 -16.31
N GLY A 257 13.44 -14.12 -15.65
CA GLY A 257 13.20 -12.92 -14.88
C GLY A 257 11.73 -12.66 -14.65
N ARG A 258 11.49 -11.75 -13.72
CA ARG A 258 10.15 -11.23 -13.47
C ARG A 258 10.00 -9.89 -14.20
N HIS A 259 9.37 -8.89 -13.59
CA HIS A 259 9.14 -7.66 -14.32
C HIS A 259 10.44 -6.92 -14.61
N PHE A 260 11.30 -6.77 -13.61
CA PHE A 260 12.60 -6.09 -13.77
C PHE A 260 13.69 -7.09 -14.22
N LEU A 261 13.43 -7.70 -15.37
CA LEU A 261 14.27 -8.79 -15.88
C LEU A 261 15.71 -8.37 -16.05
N GLN A 262 15.97 -7.06 -16.27
CA GLN A 262 17.34 -6.59 -16.40
C GLN A 262 18.17 -6.93 -15.17
N GLU A 263 17.56 -7.01 -13.98
CA GLU A 263 18.33 -7.29 -12.79
C GLU A 263 18.68 -8.77 -12.63
N ASP A 264 17.97 -9.65 -13.32
CA ASP A 264 18.22 -11.09 -13.25
C ASP A 264 19.06 -11.63 -14.40
N SER A 265 18.81 -11.18 -15.64
CA SER A 265 19.48 -11.75 -16.81
C SER A 265 20.06 -10.66 -17.72
N PRO A 266 20.89 -9.75 -17.18
CA PRO A 266 21.38 -8.65 -18.03
C PRO A 266 22.26 -9.11 -19.16
N ASP A 267 23.08 -10.14 -18.94
CA ASP A 267 23.99 -10.56 -20.01
C ASP A 267 23.23 -11.18 -21.16
N ALA A 268 22.20 -11.99 -20.88
CA ALA A 268 21.44 -12.60 -21.95
C ALA A 268 20.65 -11.54 -22.72
N ILE A 269 20.13 -10.55 -22.01
CA ILE A 269 19.44 -9.45 -22.68
C ILE A 269 20.41 -8.68 -23.57
N GLY A 270 21.57 -8.31 -23.02
CA GLY A 270 22.56 -7.59 -23.79
C GLY A 270 23.04 -8.36 -25.01
N ALA A 271 23.22 -9.67 -24.88
CA ALA A 271 23.66 -10.46 -26.03
C ALA A 271 22.59 -10.51 -27.11
N ALA A 272 21.33 -10.70 -26.73
CA ALA A 272 20.25 -10.70 -27.71
C ALA A 272 20.11 -9.33 -28.38
N VAL A 273 20.13 -8.26 -27.59
CA VAL A 273 20.03 -6.93 -28.17
C VAL A 273 21.21 -6.67 -29.10
N ARG A 274 22.41 -7.11 -28.72
CA ARG A 274 23.58 -6.88 -29.55
C ARG A 274 23.47 -7.60 -30.90
N ALA A 275 23.06 -8.88 -30.88
CA ALA A 275 22.81 -9.56 -32.14
C ALA A 275 21.79 -8.80 -32.97
N PHE A 276 20.73 -8.30 -32.31
CA PHE A 276 19.69 -7.56 -33.02
C PHE A 276 20.25 -6.30 -33.65
N VAL A 277 21.02 -5.53 -32.89
CA VAL A 277 21.56 -4.25 -33.38
C VAL A 277 22.47 -4.48 -34.57
N LEU A 278 23.34 -5.50 -34.48
CA LEU A 278 24.21 -5.79 -35.62
C LEU A 278 23.38 -6.18 -36.84
N ASP A 279 22.39 -7.07 -36.65
CA ASP A 279 21.52 -7.46 -37.75
C ASP A 279 20.83 -6.25 -38.38
N VAL A 280 20.33 -5.33 -37.55
CA VAL A 280 19.60 -4.17 -38.06
C VAL A 280 20.53 -3.25 -38.84
N ARG A 281 21.71 -2.97 -38.29
CA ARG A 281 22.69 -2.16 -39.00
C ARG A 281 23.10 -2.79 -40.31
N GLU A 282 23.03 -4.12 -40.41
CA GLU A 282 23.38 -4.78 -41.67
C GLU A 282 22.47 -4.33 -42.81
N ARG A 283 21.19 -4.09 -42.51
CA ARG A 283 20.25 -3.72 -43.56
C ARG A 283 19.88 -2.24 -43.50
N GLN A 284 20.89 -1.37 -43.54
CA GLN A 284 20.66 0.07 -43.59
C GLN A 284 21.25 0.66 -44.87
N MET B 1 -22.33 21.10 4.32
CA MET B 1 -21.86 21.25 2.95
C MET B 1 -22.41 20.20 2.01
N LYS B 2 -22.72 20.65 0.81
CA LYS B 2 -23.07 19.76 -0.29
C LYS B 2 -21.80 19.29 -1.00
N ARG B 3 -21.96 18.33 -1.90
CA ARG B 3 -20.82 17.72 -2.57
C ARG B 3 -21.29 17.13 -3.88
N VAL B 4 -20.56 17.38 -4.94
CA VAL B 4 -20.96 16.90 -6.25
C VAL B 4 -19.73 16.42 -7.02
N ASP B 5 -19.92 15.38 -7.80
CA ASP B 5 -18.85 14.85 -8.63
C ASP B 5 -18.51 15.86 -9.74
N VAL B 6 -17.22 16.12 -9.93
CA VAL B 6 -16.77 16.98 -11.03
C VAL B 6 -15.57 16.32 -11.69
N LEU B 7 -15.69 16.04 -12.98
CA LEU B 7 -14.69 15.29 -13.72
C LEU B 7 -14.26 14.05 -12.93
N ASP B 8 -12.99 13.98 -12.53
CA ASP B 8 -12.49 12.81 -11.80
C ASP B 8 -12.31 13.08 -10.30
N SER B 9 -13.00 14.05 -9.75
CA SER B 9 -12.90 14.37 -8.33
C SER B 9 -14.29 14.77 -7.85
N ALA B 10 -14.33 15.52 -6.74
CA ALA B 10 -15.58 15.90 -6.10
C ALA B 10 -15.40 17.24 -5.40
N MET B 11 -16.40 18.10 -5.54
CA MET B 11 -16.34 19.46 -5.04
C MET B 11 -17.37 19.65 -3.93
N SER B 12 -16.90 20.00 -2.75
CA SER B 12 -17.77 20.42 -1.68
C SER B 12 -18.11 21.89 -1.79
N TYR B 13 -19.33 22.24 -1.37
CA TYR B 13 -19.74 23.62 -1.46
C TYR B 13 -20.79 23.96 -0.42
N ILE B 14 -20.72 25.20 0.06
CA ILE B 14 -21.84 25.75 0.82
C ILE B 14 -22.99 26.06 -0.13
N ASP B 15 -24.22 25.82 0.34
CA ASP B 15 -25.41 26.09 -0.46
C ASP B 15 -26.50 26.46 0.54
N VAL B 16 -26.76 27.77 0.71
CA VAL B 16 -27.68 28.26 1.73
C VAL B 16 -28.49 29.41 1.16
N GLY B 17 -29.74 29.54 1.62
CA GLY B 17 -30.63 30.55 1.07
C GLY B 17 -31.30 30.08 -0.21
N GLN B 18 -32.14 30.95 -0.78
CA GLN B 18 -32.90 30.59 -1.95
C GLN B 18 -32.99 31.80 -2.87
N GLY B 19 -33.37 31.55 -4.13
CA GLY B 19 -33.51 32.64 -5.07
C GLY B 19 -32.42 32.64 -6.12
N ASP B 20 -32.10 33.81 -6.68
CA ASP B 20 -31.05 33.88 -7.69
C ASP B 20 -29.69 33.61 -7.05
N PRO B 21 -28.77 32.99 -7.79
CA PRO B 21 -27.50 32.56 -7.19
C PRO B 21 -26.51 33.68 -6.98
N ILE B 22 -25.75 33.54 -5.90
CA ILE B 22 -24.62 34.40 -5.54
C ILE B 22 -23.45 33.46 -5.25
N VAL B 23 -22.42 33.51 -6.08
CA VAL B 23 -21.34 32.53 -6.02
C VAL B 23 -20.08 33.20 -5.46
N PHE B 24 -19.58 32.66 -4.36
CA PHE B 24 -18.40 33.17 -3.67
C PHE B 24 -17.22 32.27 -4.02
N LEU B 25 -16.15 32.84 -4.60
CA LEU B 25 -14.98 32.07 -5.01
C LEU B 25 -13.72 32.54 -4.27
N HIS B 26 -13.11 31.63 -3.51
CA HIS B 26 -11.87 31.89 -2.77
C HIS B 26 -10.62 31.63 -3.63
N GLY B 27 -9.48 32.03 -3.09
CA GLY B 27 -8.19 31.76 -3.69
C GLY B 27 -7.21 30.99 -2.82
N ASN B 28 -5.90 31.24 -3.01
CA ASN B 28 -4.80 30.51 -2.37
C ASN B 28 -4.45 31.12 -1.01
N PRO B 29 -4.35 30.34 0.08
CA PRO B 29 -4.65 28.91 0.29
C PRO B 29 -5.94 28.69 1.08
N THR B 30 -7.02 29.31 0.65
CA THR B 30 -8.17 29.33 1.55
C THR B 30 -9.25 28.35 1.08
N SER B 31 -10.50 28.68 1.34
CA SER B 31 -11.64 27.82 1.01
C SER B 31 -12.87 28.66 1.30
N SER B 32 -14.06 28.07 1.14
CA SER B 32 -15.29 28.79 1.42
C SER B 32 -15.35 29.31 2.86
N TYR B 33 -14.57 28.73 3.77
CA TYR B 33 -14.42 29.25 5.11
C TYR B 33 -14.13 30.75 5.12
N LEU B 34 -13.34 31.23 4.15
CA LEU B 34 -12.99 32.65 4.08
C LEU B 34 -14.24 33.55 4.01
N TRP B 35 -15.35 33.04 3.48
CA TRP B 35 -16.57 33.82 3.33
C TRP B 35 -17.58 33.59 4.45
N ARG B 36 -17.20 32.84 5.50
CA ARG B 36 -18.18 32.39 6.48
C ARG B 36 -18.93 33.54 7.15
N ASN B 37 -18.29 34.69 7.32
CA ASN B 37 -18.91 35.83 7.98
C ASN B 37 -19.41 36.87 7.00
N VAL B 38 -19.28 36.61 5.71
CA VAL B 38 -19.81 37.49 4.67
C VAL B 38 -21.16 36.98 4.15
N ILE B 39 -21.26 35.67 3.93
CA ILE B 39 -22.48 35.03 3.43
C ILE B 39 -23.73 35.35 4.27
N PRO B 40 -23.67 35.39 5.61
CA PRO B 40 -24.88 35.75 6.36
C PRO B 40 -25.47 37.10 6.00
N HIS B 41 -24.67 38.01 5.43
CA HIS B 41 -25.27 39.25 4.95
C HIS B 41 -26.01 39.07 3.64
N LEU B 42 -25.98 37.88 3.05
CA LEU B 42 -26.60 37.65 1.75
C LEU B 42 -27.61 36.52 1.70
N SER B 43 -27.65 35.63 2.70
CA SER B 43 -28.36 34.37 2.52
C SER B 43 -29.87 34.53 2.61
N ASP B 44 -30.37 35.66 3.11
CA ASP B 44 -31.79 35.97 3.08
C ASP B 44 -32.22 36.67 1.79
N VAL B 45 -31.31 36.94 0.86
CA VAL B 45 -31.65 37.63 -0.38
C VAL B 45 -31.09 36.91 -1.61
N GLY B 46 -30.66 35.67 -1.44
CA GLY B 46 -30.15 34.91 -2.59
C GLY B 46 -29.71 33.52 -2.18
N ARG B 47 -29.63 32.65 -3.18
CA ARG B 47 -29.02 31.35 -2.98
C ARG B 47 -27.51 31.54 -3.00
N CYS B 48 -26.86 31.49 -1.84
CA CYS B 48 -25.42 31.64 -1.72
C CYS B 48 -24.71 30.29 -1.84
N LEU B 49 -23.79 30.22 -2.79
CA LEU B 49 -23.01 29.04 -3.06
C LEU B 49 -21.53 29.38 -2.92
N ALA B 50 -20.79 28.56 -2.18
CA ALA B 50 -19.37 28.78 -1.93
C ALA B 50 -18.60 27.47 -2.07
N PRO B 51 -18.06 27.19 -3.26
CA PRO B 51 -17.31 25.94 -3.43
C PRO B 51 -15.85 26.01 -2.97
N ASP B 52 -15.39 24.89 -2.39
CA ASP B 52 -13.96 24.68 -2.14
C ASP B 52 -13.32 24.12 -3.40
N LEU B 53 -12.29 24.81 -3.93
CA LEU B 53 -11.64 24.33 -5.14
C LEU B 53 -11.00 22.96 -4.90
N ILE B 54 -10.81 22.21 -6.00
CA ILE B 54 -10.26 20.86 -5.89
C ILE B 54 -8.87 20.94 -5.25
N GLY B 55 -8.58 20.02 -4.33
CA GLY B 55 -7.34 20.03 -3.57
C GLY B 55 -7.31 20.97 -2.38
N MET B 56 -8.40 21.66 -2.08
CA MET B 56 -8.45 22.68 -1.04
C MET B 56 -9.73 22.50 -0.23
N GLY B 57 -9.75 23.12 0.94
CA GLY B 57 -10.96 23.06 1.75
C GLY B 57 -11.36 21.63 2.02
N ALA B 58 -12.65 21.38 1.92
CA ALA B 58 -13.23 20.07 2.20
C ALA B 58 -13.31 19.20 0.95
N SER B 59 -12.92 19.74 -0.18
CA SER B 59 -13.20 19.08 -1.45
C SER B 59 -12.22 17.92 -1.64
N GLY B 60 -12.55 17.05 -2.60
CA GLY B 60 -11.62 16.01 -2.99
C GLY B 60 -10.42 16.58 -3.71
N THR B 61 -9.43 15.72 -3.89
CA THR B 61 -8.18 16.08 -4.54
C THR B 61 -8.19 15.61 -6.00
N SER B 62 -7.17 16.06 -6.75
CA SER B 62 -7.04 15.66 -8.14
C SER B 62 -6.18 14.40 -8.20
N PRO B 63 -6.73 13.27 -8.65
CA PRO B 63 -5.94 12.01 -8.62
C PRO B 63 -4.73 12.04 -9.51
N THR B 64 -4.70 12.88 -10.53
CA THR B 64 -3.50 13.03 -11.34
C THR B 64 -2.63 14.20 -10.88
N PHE B 65 -2.97 14.82 -9.74
CA PHE B 65 -2.24 16.00 -9.22
C PHE B 65 -2.15 17.11 -10.28
N SER B 66 -3.26 17.33 -10.96
CA SER B 66 -3.37 18.36 -12.00
C SER B 66 -3.94 19.62 -11.37
N TYR B 67 -3.05 20.57 -11.07
CA TYR B 67 -3.39 21.72 -10.24
C TYR B 67 -3.03 23.06 -10.90
N ARG B 68 -2.91 23.08 -12.22
CA ARG B 68 -2.67 24.32 -12.91
CA ARG B 68 -2.68 24.31 -12.94
C ARG B 68 -3.98 25.13 -12.99
N PHE B 69 -3.86 26.40 -13.36
CA PHE B 69 -5.05 27.25 -13.45
C PHE B 69 -6.06 26.65 -14.42
N ALA B 70 -5.59 26.08 -15.53
CA ALA B 70 -6.51 25.53 -16.54
C ALA B 70 -7.27 24.32 -16.00
N ASP B 71 -6.63 23.57 -15.09
CA ASP B 71 -7.28 22.43 -14.46
C ASP B 71 -8.39 22.89 -13.53
N HIS B 72 -8.10 23.90 -12.70
CA HIS B 72 -9.12 24.46 -11.83
C HIS B 72 -10.27 25.06 -12.63
N VAL B 73 -9.96 25.68 -13.77
CA VAL B 73 -11.00 26.17 -14.66
C VAL B 73 -11.92 25.02 -15.06
N ARG B 74 -11.33 23.89 -15.48
CA ARG B 74 -12.16 22.75 -15.91
C ARG B 74 -13.00 22.19 -14.75
N TYR B 75 -12.39 22.01 -13.59
CA TYR B 75 -13.12 21.47 -12.43
C TYR B 75 -14.26 22.40 -12.02
N LEU B 76 -14.00 23.70 -11.96
CA LEU B 76 -15.03 24.65 -11.56
C LEU B 76 -16.12 24.77 -12.62
N ASP B 77 -15.75 24.69 -13.90
CA ASP B 77 -16.75 24.61 -14.97
C ASP B 77 -17.67 23.42 -14.74
N ALA B 78 -17.08 22.26 -14.45
CA ALA B 78 -17.91 21.07 -14.16
C ALA B 78 -18.85 21.32 -12.97
N TRP B 79 -18.39 22.08 -11.96
CA TRP B 79 -19.28 22.42 -10.83
C TRP B 79 -20.43 23.30 -11.27
N PHE B 80 -20.11 24.40 -11.96
CA PHE B 80 -21.12 25.30 -12.49
C PHE B 80 -22.20 24.55 -13.27
N GLU B 81 -21.77 23.59 -14.10
CA GLU B 81 -22.73 22.85 -14.94
C GLU B 81 -23.53 21.83 -14.13
N ALA B 82 -22.87 21.14 -13.19
CA ALA B 82 -23.55 20.11 -12.41
C ALA B 82 -24.61 20.73 -11.49
N VAL B 83 -24.29 21.86 -10.88
CA VAL B 83 -25.25 22.54 -10.00
C VAL B 83 -26.19 23.43 -10.77
N GLY B 84 -25.92 23.65 -12.06
CA GLY B 84 -26.79 24.43 -12.92
C GLY B 84 -26.75 25.92 -12.64
N ILE B 85 -25.63 26.43 -12.17
CA ILE B 85 -25.52 27.86 -11.81
C ILE B 85 -25.08 28.59 -13.07
N THR B 86 -26.07 28.86 -13.92
CA THR B 86 -25.82 29.30 -15.29
C THR B 86 -26.76 30.43 -15.70
N GLU B 87 -27.45 31.07 -14.75
CA GLU B 87 -28.33 32.18 -15.07
C GLU B 87 -28.44 33.11 -13.85
N ASN B 88 -28.36 34.41 -14.12
CA ASN B 88 -28.54 35.46 -13.10
C ASN B 88 -27.54 35.32 -11.96
N VAL B 89 -26.31 34.97 -12.29
CA VAL B 89 -25.28 34.70 -11.30
C VAL B 89 -24.59 35.99 -10.92
N VAL B 90 -24.47 36.25 -9.62
CA VAL B 90 -23.59 37.29 -9.11
C VAL B 90 -22.34 36.63 -8.58
N LEU B 91 -21.19 37.04 -9.12
CA LEU B 91 -19.90 36.53 -8.67
C LEU B 91 -19.33 37.40 -7.56
N VAL B 92 -18.91 36.78 -6.48
CA VAL B 92 -18.20 37.46 -5.39
C VAL B 92 -16.86 36.75 -5.26
N VAL B 93 -15.77 37.43 -5.65
CA VAL B 93 -14.53 36.73 -5.95
C VAL B 93 -13.33 37.44 -5.32
N HIS B 94 -12.25 36.68 -5.14
CA HIS B 94 -11.05 37.18 -4.47
C HIS B 94 -9.84 36.32 -4.84
N ASP B 95 -8.72 36.98 -5.12
CA ASP B 95 -7.44 36.28 -5.37
C ASP B 95 -7.64 35.32 -6.55
N TRP B 96 -7.16 34.08 -6.50
CA TRP B 96 -7.34 33.21 -7.65
C TRP B 96 -8.82 32.93 -7.92
N GLY B 97 -9.68 33.04 -6.91
CA GLY B 97 -11.12 32.98 -7.18
C GLY B 97 -11.54 34.02 -8.21
N SER B 98 -10.96 35.22 -8.13
CA SER B 98 -11.28 36.25 -9.11
C SER B 98 -10.88 35.81 -10.51
N ALA B 99 -9.66 35.25 -10.65
CA ALA B 99 -9.26 34.80 -11.97
C ALA B 99 -10.26 33.80 -12.52
N LEU B 100 -10.73 32.89 -11.66
CA LEU B 100 -11.67 31.90 -12.14
C LEU B 100 -12.98 32.57 -12.54
N GLY B 101 -13.49 33.44 -11.67
CA GLY B 101 -14.79 34.04 -11.94
C GLY B 101 -14.74 34.98 -13.13
N PHE B 102 -13.71 35.84 -13.17
CA PHE B 102 -13.46 36.66 -14.35
C PHE B 102 -13.43 35.79 -15.61
N TYR B 103 -12.69 34.68 -15.57
CA TYR B 103 -12.57 33.86 -16.77
C TYR B 103 -13.93 33.27 -17.14
N ARG B 104 -14.73 32.89 -16.15
CA ARG B 104 -16.09 32.44 -16.44
C ARG B 104 -16.88 33.56 -17.07
N ALA B 105 -16.78 34.77 -16.48
CA ALA B 105 -17.49 35.91 -17.03
C ALA B 105 -17.09 36.14 -18.47
N LEU B 106 -15.83 35.90 -18.78
CA LEU B 106 -15.37 36.16 -20.13
C LEU B 106 -16.09 35.25 -21.12
N ARG B 107 -16.28 34.00 -20.74
CA ARG B 107 -16.73 33.02 -21.72
C ARG B 107 -18.24 32.88 -21.75
N TYR B 108 -18.93 33.26 -20.68
CA TYR B 108 -20.38 33.15 -20.59
C TYR B 108 -20.96 34.40 -19.94
N PRO B 109 -20.73 35.57 -20.55
CA PRO B 109 -21.22 36.81 -19.93
C PRO B 109 -22.73 36.87 -19.82
N GLU B 110 -23.45 36.19 -20.71
CA GLU B 110 -24.90 36.14 -20.62
C GLU B 110 -25.37 35.49 -19.34
N GLN B 111 -24.50 34.76 -18.66
CA GLN B 111 -24.93 34.11 -17.42
C GLN B 111 -24.71 34.97 -16.20
N ILE B 112 -24.08 36.14 -16.36
CA ILE B 112 -23.54 36.90 -15.24
C ILE B 112 -24.36 38.17 -15.06
N ALA B 113 -25.00 38.30 -13.90
CA ALA B 113 -25.74 39.50 -13.55
C ALA B 113 -24.85 40.58 -12.96
N GLY B 114 -23.81 40.20 -12.21
CA GLY B 114 -22.92 41.19 -11.63
C GLY B 114 -21.69 40.55 -11.02
N ILE B 115 -20.67 41.37 -10.80
CA ILE B 115 -19.41 40.87 -10.26
C ILE B 115 -18.93 41.79 -9.15
N ALA B 116 -18.74 41.23 -7.96
CA ALA B 116 -18.15 41.93 -6.84
C ALA B 116 -16.78 41.32 -6.60
N TYR B 117 -15.74 42.16 -6.64
CA TYR B 117 -14.39 41.59 -6.54
C TYR B 117 -13.53 42.40 -5.59
N MET B 118 -12.56 41.72 -4.99
CA MET B 118 -11.69 42.32 -4.00
C MET B 118 -10.32 41.65 -4.07
N ASP B 119 -9.27 42.46 -3.95
CA ASP B 119 -7.87 42.04 -4.10
C ASP B 119 -7.75 40.95 -5.14
N ALA B 120 -8.04 41.31 -6.38
CA ALA B 120 -8.26 40.38 -7.46
C ALA B 120 -7.10 40.43 -8.45
N LEU B 121 -7.05 39.41 -9.33
CA LEU B 121 -6.11 39.38 -10.44
C LEU B 121 -6.80 40.01 -11.65
N VAL B 122 -6.66 41.34 -11.77
CA VAL B 122 -7.39 42.05 -12.81
C VAL B 122 -6.66 42.10 -14.14
N GLN B 123 -5.34 41.86 -14.15
CA GLN B 123 -4.55 41.81 -15.36
C GLN B 123 -3.24 41.11 -15.00
N PRO B 124 -2.43 40.73 -16.01
CA PRO B 124 -1.10 40.19 -15.70
C PRO B 124 -0.32 41.13 -14.79
N ARG B 125 0.50 40.56 -13.93
CA ARG B 125 1.23 41.30 -12.92
C ARG B 125 2.66 41.63 -13.36
N THR B 126 3.27 42.59 -12.65
CA THR B 126 4.69 42.90 -12.74
C THR B 126 5.28 42.61 -11.37
N TRP B 127 6.61 42.42 -11.32
CA TRP B 127 7.23 42.10 -10.04
C TRP B 127 7.10 43.26 -9.06
N ALA B 128 7.19 44.49 -9.57
CA ALA B 128 7.02 45.67 -8.72
C ALA B 128 5.66 45.64 -8.01
N GLY B 129 4.63 45.24 -8.73
CA GLY B 129 3.29 45.17 -8.16
C GLY B 129 3.19 44.28 -6.94
N PHE B 130 4.20 43.43 -6.69
CA PHE B 130 4.11 42.53 -5.55
C PHE B 130 4.49 43.21 -4.25
N THR B 131 5.16 44.37 -4.31
CA THR B 131 5.59 45.13 -3.13
C THR B 131 6.26 44.15 -2.17
N ASP B 132 5.81 44.05 -0.93
CA ASP B 132 6.52 43.30 0.10
C ASP B 132 6.34 41.79 -0.02
N TYR B 133 5.51 41.32 -0.95
CA TYR B 133 5.49 39.89 -1.24
C TYR B 133 6.54 39.49 -2.27
N GLU B 134 7.22 40.46 -2.88
CA GLU B 134 8.14 40.13 -3.96
C GLU B 134 9.19 39.12 -3.53
N PRO B 135 9.86 39.25 -2.37
CA PRO B 135 10.86 38.22 -2.02
C PRO B 135 10.28 36.83 -1.92
N LEU B 136 9.17 36.66 -1.21
CA LEU B 136 8.54 35.35 -1.10
C LEU B 136 8.18 34.79 -2.48
N MET B 137 7.44 35.56 -3.28
CA MET B 137 6.89 35.04 -4.53
C MET B 137 7.97 34.78 -5.57
N ARG B 138 9.07 35.54 -5.56
CA ARG B 138 10.22 35.17 -6.37
C ARG B 138 10.78 33.82 -5.94
N ALA B 139 11.00 33.66 -4.63
CA ALA B 139 11.61 32.43 -4.14
C ALA B 139 10.77 31.21 -4.50
N LEU B 140 9.45 31.29 -4.26
CA LEU B 140 8.57 30.16 -4.56
C LEU B 140 8.67 29.75 -6.03
N ARG B 141 8.93 30.70 -6.92
CA ARG B 141 9.04 30.35 -8.33
C ARG B 141 10.42 29.86 -8.70
N THR B 142 11.31 29.68 -7.73
CA THR B 142 12.58 29.01 -7.89
C THR B 142 12.49 27.61 -7.28
N GLU B 143 13.63 26.92 -7.25
CA GLU B 143 13.72 25.58 -6.71
C GLU B 143 13.53 25.54 -5.20
N GLN B 144 13.59 26.67 -4.50
CA GLN B 144 13.33 26.65 -3.06
C GLN B 144 11.84 26.53 -2.73
N GLY B 145 10.96 26.77 -3.71
CA GLY B 145 9.52 26.74 -3.44
C GLY B 145 9.05 25.42 -2.86
N GLU B 146 9.58 24.31 -3.37
CA GLU B 146 9.20 23.00 -2.83
C GLU B 146 9.43 22.94 -1.34
N ARG B 147 10.61 23.35 -0.89
CA ARG B 147 10.83 23.35 0.56
C ARG B 147 9.89 24.34 1.24
N MET B 148 9.71 25.53 0.68
CA MET B 148 8.95 26.56 1.38
C MET B 148 7.48 26.23 1.43
N ALA B 149 6.91 25.76 0.32
CA ALA B 149 5.48 25.52 0.27
C ALA B 149 5.10 24.12 0.73
N LEU B 150 5.84 23.10 0.29
CA LEU B 150 5.46 21.73 0.64
C LEU B 150 5.98 21.34 2.01
N ALA B 151 7.26 21.60 2.28
CA ALA B 151 7.86 21.14 3.53
C ALA B 151 7.45 22.02 4.70
N GLU B 152 7.38 23.35 4.48
CA GLU B 152 7.11 24.32 5.53
C GLU B 152 5.69 24.86 5.55
N ASN B 153 4.90 24.60 4.50
CA ASN B 153 3.51 25.07 4.43
C ASN B 153 3.45 26.58 4.62
N VAL B 154 4.31 27.31 3.91
CA VAL B 154 4.46 28.74 4.17
C VAL B 154 3.15 29.49 3.92
N PHE B 155 2.33 29.03 2.96
CA PHE B 155 1.14 29.81 2.62
C PHE B 155 0.13 29.81 3.75
N VAL B 156 0.01 28.70 4.47
CA VAL B 156 -0.97 28.63 5.56
C VAL B 156 -0.39 29.19 6.85
N GLU B 157 0.83 28.79 7.18
CA GLU B 157 1.40 29.14 8.49
C GLU B 157 1.93 30.56 8.53
N LYS B 158 2.27 31.15 7.39
CA LYS B 158 2.89 32.47 7.35
C LYS B 158 2.09 33.47 6.53
N VAL B 159 1.65 33.10 5.33
CA VAL B 159 1.05 34.13 4.46
C VAL B 159 -0.33 34.52 4.98
N VAL B 160 -1.11 33.56 5.46
CA VAL B 160 -2.45 33.83 5.98
C VAL B 160 -2.37 34.71 7.23
N PRO B 161 -1.63 34.34 8.29
CA PRO B 161 -1.55 35.26 9.44
C PRO B 161 -0.97 36.61 9.07
N GLY B 162 -0.05 36.67 8.10
CA GLY B 162 0.53 37.93 7.70
C GLY B 162 -0.40 38.81 6.89
N GLY B 163 -1.43 38.23 6.29
CA GLY B 163 -2.37 38.97 5.50
C GLY B 163 -3.63 39.37 6.23
N VAL B 164 -3.69 39.16 7.54
CA VAL B 164 -4.81 39.60 8.36
C VAL B 164 -4.30 40.62 9.37
N GLN B 165 -5.08 41.69 9.56
CA GLN B 165 -4.63 42.72 10.49
C GLN B 165 -4.77 42.25 11.94
N ARG B 166 -5.93 41.71 12.29
CA ARG B 166 -6.14 41.18 13.63
C ARG B 166 -5.40 39.86 13.78
N GLN B 167 -5.39 39.35 15.02
CA GLN B 167 -4.77 38.06 15.25
C GLN B 167 -5.81 36.98 15.06
N LEU B 168 -5.47 35.95 14.29
CA LEU B 168 -6.41 34.87 14.06
C LEU B 168 -6.41 33.96 15.28
N THR B 169 -7.59 33.44 15.60
CA THR B 169 -7.70 32.55 16.76
C THR B 169 -7.05 31.20 16.47
N GLU B 170 -6.90 30.40 17.53
CA GLU B 170 -6.36 29.07 17.39
C GLU B 170 -7.28 28.22 16.50
N GLU B 171 -8.60 28.34 16.68
CA GLU B 171 -9.55 27.57 15.90
C GLU B 171 -9.53 27.98 14.44
N GLU B 172 -9.35 29.29 14.18
CA GLU B 172 -9.26 29.77 12.81
C GLU B 172 -8.05 29.17 12.09
N MET B 173 -6.87 29.24 12.71
CA MET B 173 -5.68 28.60 12.14
C MET B 173 -5.86 27.09 11.99
N ALA B 174 -6.53 26.45 12.97
CA ALA B 174 -6.75 25.00 12.90
C ALA B 174 -7.58 24.64 11.68
N VAL B 175 -8.57 25.46 11.38
CA VAL B 175 -9.36 25.26 10.17
C VAL B 175 -8.50 25.46 8.94
N TYR B 176 -7.75 26.56 8.89
CA TYR B 176 -7.02 26.87 7.67
C TYR B 176 -5.95 25.83 7.37
N ARG B 177 -5.41 25.17 8.40
CA ARG B 177 -4.40 24.17 8.08
C ARG B 177 -4.97 22.78 7.86
N THR B 178 -6.28 22.58 8.09
CA THR B 178 -6.88 21.24 7.98
C THR B 178 -6.64 20.55 6.65
N PRO B 179 -6.71 21.20 5.49
CA PRO B 179 -6.51 20.45 4.23
C PRO B 179 -5.07 20.07 4.03
N TYR B 180 -4.14 20.62 4.80
CA TYR B 180 -2.72 20.60 4.45
C TYR B 180 -1.84 19.97 5.53
N PRO B 181 -2.15 18.73 5.95
CA PRO B 181 -1.34 18.12 7.02
C PRO B 181 0.02 17.58 6.57
N THR B 182 0.25 17.35 5.28
CA THR B 182 1.44 16.69 4.80
C THR B 182 2.03 17.49 3.65
N PRO B 183 3.33 17.32 3.37
CA PRO B 183 3.92 17.97 2.21
C PRO B 183 3.18 17.65 0.92
N GLN B 184 2.84 16.37 0.73
CA GLN B 184 2.17 15.94 -0.49
C GLN B 184 0.72 16.40 -0.59
N SER B 185 0.17 17.01 0.47
CA SER B 185 -1.14 17.63 0.39
C SER B 185 -1.07 19.12 0.01
N ARG B 186 0.13 19.71 -0.07
CA ARG B 186 0.28 21.15 -0.23
C ARG B 186 0.61 21.57 -1.66
N ILE B 187 0.57 20.62 -2.60
CA ILE B 187 0.89 20.96 -3.99
C ILE B 187 0.02 22.08 -4.54
N PRO B 188 -1.28 22.16 -4.24
CA PRO B 188 -2.06 23.29 -4.78
C PRO B 188 -1.52 24.67 -4.39
N THR B 189 -1.05 24.87 -3.15
CA THR B 189 -0.54 26.18 -2.75
C THR B 189 0.69 26.58 -3.57
N LEU B 190 1.58 25.62 -3.86
CA LEU B 190 2.75 25.95 -4.67
C LEU B 190 2.38 26.19 -6.13
N LEU B 191 1.47 25.36 -6.69
CA LEU B 191 1.05 25.59 -8.06
C LEU B 191 0.43 26.97 -8.19
N TRP B 192 -0.35 27.40 -7.18
CA TRP B 192 -0.96 28.72 -7.27
C TRP B 192 0.10 29.81 -7.31
N ALA B 193 1.16 29.68 -6.50
CA ALA B 193 2.26 30.64 -6.60
C ALA B 193 2.91 30.64 -7.99
N ARG B 194 3.12 29.46 -8.58
CA ARG B 194 3.85 29.40 -9.85
C ARG B 194 3.00 29.73 -11.07
N GLU B 195 1.67 29.75 -10.96
CA GLU B 195 0.79 30.04 -12.08
C GLU B 195 0.47 31.53 -12.25
N ILE B 196 0.80 32.37 -11.28
CA ILE B 196 0.52 33.80 -11.46
C ILE B 196 1.24 34.30 -12.71
N PRO B 197 0.54 34.97 -13.62
CA PRO B 197 1.21 35.54 -14.79
C PRO B 197 2.00 36.77 -14.39
N VAL B 198 3.32 36.65 -14.35
CA VAL B 198 4.19 37.76 -14.00
C VAL B 198 5.11 38.02 -15.18
N GLU B 199 4.95 39.19 -15.81
CA GLU B 199 5.86 39.67 -16.85
C GLU B 199 5.99 38.64 -17.99
N GLY B 200 4.87 38.06 -18.37
CA GLY B 200 4.78 37.17 -19.50
C GLY B 200 4.73 35.69 -19.17
N GLU B 201 5.00 35.29 -17.93
CA GLU B 201 5.15 33.87 -17.63
C GLU B 201 4.35 33.47 -16.40
N PRO B 202 3.64 32.31 -16.44
CA PRO B 202 3.53 31.39 -17.59
C PRO B 202 2.66 31.95 -18.71
N ALA B 203 3.05 31.65 -19.95
CA ALA B 203 2.46 32.35 -21.10
C ALA B 203 0.99 32.00 -21.32
N ASP B 204 0.58 30.75 -21.08
CA ASP B 204 -0.83 30.40 -21.28
C ASP B 204 -1.73 31.14 -20.29
N VAL B 205 -1.36 31.11 -19.02
CA VAL B 205 -2.14 31.84 -18.01
C VAL B 205 -2.17 33.31 -18.37
N GLN B 206 -1.03 33.86 -18.82
CA GLN B 206 -0.99 35.27 -19.18
C GLN B 206 -1.98 35.58 -20.29
N ALA B 207 -2.07 34.72 -21.31
CA ALA B 207 -3.03 34.93 -22.38
C ALA B 207 -4.47 34.94 -21.84
N MET B 208 -4.79 33.97 -20.98
CA MET B 208 -6.14 33.91 -20.42
C MET B 208 -6.48 35.18 -19.64
N VAL B 209 -5.55 35.62 -18.79
CA VAL B 209 -5.83 36.77 -17.91
C VAL B 209 -5.90 38.05 -18.73
N GLN B 210 -5.02 38.20 -19.72
CA GLN B 210 -5.12 39.35 -20.62
C GLN B 210 -6.45 39.38 -21.36
N GLU B 211 -6.95 38.21 -21.78
CA GLU B 211 -8.20 38.17 -22.51
C GLU B 211 -9.34 38.66 -21.63
N TYR B 212 -9.43 38.13 -20.41
CA TYR B 212 -10.53 38.60 -19.58
C TYR B 212 -10.33 40.03 -19.10
N ALA B 213 -9.09 40.52 -19.04
CA ALA B 213 -8.85 41.93 -18.72
C ALA B 213 -9.37 42.83 -19.82
N ASP B 214 -8.97 42.55 -21.07
CA ASP B 214 -9.47 43.31 -22.21
C ASP B 214 -10.99 43.29 -22.24
N PHE B 215 -11.60 42.14 -21.88
CA PHE B 215 -13.06 42.04 -21.96
C PHE B 215 -13.73 42.85 -20.84
N LEU B 216 -13.31 42.64 -19.60
CA LEU B 216 -13.95 43.29 -18.48
C LEU B 216 -13.75 44.79 -18.48
N SER B 217 -12.60 45.27 -18.97
CA SER B 217 -12.39 46.73 -19.01
C SER B 217 -13.36 47.43 -19.95
N ARG B 218 -14.03 46.68 -20.84
CA ARG B 218 -15.00 47.24 -21.77
C ARG B 218 -16.42 46.74 -21.53
N SER B 219 -16.63 45.85 -20.56
CA SER B 219 -17.92 45.21 -20.35
C SER B 219 -18.83 46.06 -19.47
N ASP B 220 -20.11 46.07 -19.82
CA ASP B 220 -21.13 46.80 -19.08
C ASP B 220 -21.77 45.96 -17.95
N ILE B 221 -21.21 44.81 -17.63
CA ILE B 221 -21.71 44.00 -16.51
C ILE B 221 -21.56 44.82 -15.22
N PRO B 222 -22.57 44.88 -14.35
CA PRO B 222 -22.43 45.65 -13.11
C PRO B 222 -21.29 45.11 -12.25
N LYS B 223 -20.57 46.03 -11.60
CA LYS B 223 -19.40 45.65 -10.82
C LYS B 223 -19.34 46.39 -9.49
N LEU B 224 -18.88 45.69 -8.46
CA LEU B 224 -18.55 46.30 -7.18
C LEU B 224 -17.08 46.01 -6.88
N LEU B 225 -16.27 47.05 -6.78
CA LEU B 225 -14.86 46.92 -6.42
C LEU B 225 -14.72 47.26 -4.94
N ILE B 226 -14.37 46.24 -4.15
CA ILE B 226 -14.08 46.43 -2.74
C ILE B 226 -12.57 46.59 -2.59
N VAL B 227 -12.14 47.75 -2.12
CA VAL B 227 -10.73 48.08 -1.97
C VAL B 227 -10.39 48.01 -0.50
N ALA B 228 -9.32 47.28 -0.18
CA ALA B 228 -8.86 47.15 1.19
C ALA B 228 -7.79 48.19 1.47
N GLU B 229 -7.78 48.68 2.71
CA GLU B 229 -6.80 49.64 3.20
C GLU B 229 -5.97 48.93 4.24
N PRO B 230 -4.67 48.68 4.00
CA PRO B 230 -3.95 49.06 2.77
C PRO B 230 -4.10 48.08 1.60
N GLY B 231 -4.58 46.86 1.84
CA GLY B 231 -4.67 45.88 0.77
C GLY B 231 -3.33 45.23 0.48
N ALA B 232 -3.26 44.52 -0.65
CA ALA B 232 -2.04 43.86 -1.08
C ALA B 232 -1.87 43.93 -2.59
N ILE B 233 -2.70 43.18 -3.32
CA ILE B 233 -2.61 43.18 -4.78
C ILE B 233 -3.18 44.49 -5.33
N LEU B 234 -4.32 44.94 -4.81
CA LEU B 234 -4.91 46.21 -5.24
C LEU B 234 -4.67 47.23 -4.14
N HIS B 235 -3.60 48.03 -4.28
CA HIS B 235 -3.20 49.03 -3.30
C HIS B 235 -3.14 50.40 -3.97
N GLU B 236 -3.25 51.44 -3.14
CA GLU B 236 -3.11 52.80 -3.64
C GLU B 236 -1.73 52.99 -4.25
N GLY B 237 -1.67 53.73 -5.36
CA GLY B 237 -0.43 53.92 -6.07
C GLY B 237 -0.08 52.83 -7.05
N GLY B 238 -0.77 51.69 -7.02
CA GLY B 238 -0.45 50.59 -7.91
C GLY B 238 -1.17 50.67 -9.25
N SER B 239 -0.51 50.14 -10.27
CA SER B 239 -1.11 50.16 -11.60
C SER B 239 -2.31 49.24 -11.69
N GLU B 240 -2.35 48.19 -10.87
CA GLU B 240 -3.44 47.23 -10.97
C GLU B 240 -4.75 47.81 -10.46
N LEU B 241 -4.71 48.53 -9.32
CA LEU B 241 -5.91 49.22 -8.86
C LEU B 241 -6.32 50.32 -9.83
N ASP B 242 -5.36 51.02 -10.43
CA ASP B 242 -5.71 52.04 -11.43
C ASP B 242 -6.48 51.41 -12.60
N PHE B 243 -5.97 50.29 -13.11
CA PHE B 243 -6.68 49.58 -14.15
C PHE B 243 -8.05 49.11 -13.67
N ALA B 244 -8.12 48.57 -12.45
CA ALA B 244 -9.41 48.14 -11.92
C ALA B 244 -10.41 49.29 -11.91
N ARG B 245 -9.96 50.49 -11.54
CA ARG B 245 -10.82 51.66 -11.59
C ARG B 245 -11.13 52.10 -13.01
N SER B 246 -10.40 51.63 -14.01
CA SER B 246 -10.82 51.77 -15.41
C SER B 246 -12.16 51.10 -15.73
N TRP B 247 -12.63 50.14 -14.93
CA TRP B 247 -13.69 49.24 -15.37
C TRP B 247 -15.07 49.90 -15.33
N PRO B 248 -15.89 49.70 -16.35
CA PRO B 248 -17.17 50.42 -16.47
C PRO B 248 -18.29 49.89 -15.58
N ASN B 249 -19.31 50.74 -15.40
CA ASN B 249 -20.51 50.42 -14.62
C ASN B 249 -20.15 49.84 -13.25
N GLN B 250 -19.28 50.55 -12.54
CA GLN B 250 -18.66 50.05 -11.33
C GLN B 250 -18.92 51.00 -10.15
N ARG B 251 -19.17 50.43 -8.98
CA ARG B 251 -19.19 51.19 -7.74
C ARG B 251 -18.07 50.68 -6.86
N GLU B 252 -17.47 51.59 -6.11
CA GLU B 252 -16.30 51.28 -5.30
C GLU B 252 -16.60 51.55 -3.84
N VAL B 253 -16.19 50.62 -2.99
CA VAL B 253 -16.29 50.75 -1.54
C VAL B 253 -14.91 50.48 -0.96
N LYS B 254 -14.62 51.05 0.21
CA LYS B 254 -13.35 50.85 0.89
C LYS B 254 -13.60 50.27 2.27
N VAL B 255 -12.78 49.29 2.64
CA VAL B 255 -12.84 48.66 3.95
C VAL B 255 -11.41 48.49 4.46
N ALA B 256 -11.29 48.23 5.75
CA ALA B 256 -9.97 47.97 6.34
C ALA B 256 -9.56 46.53 6.07
N GLY B 257 -8.27 46.34 5.76
CA GLY B 257 -7.71 45.01 5.68
C GLY B 257 -6.45 44.97 4.85
N ARG B 258 -5.79 43.82 4.91
CA ARG B 258 -4.65 43.50 4.05
C ARG B 258 -5.11 42.56 2.94
N HIS B 259 -4.40 41.47 2.61
CA HIS B 259 -4.86 40.63 1.51
C HIS B 259 -6.14 39.89 1.88
N PHE B 260 -6.19 39.29 3.06
CA PHE B 260 -7.35 38.50 3.46
C PHE B 260 -8.37 39.37 4.19
N LEU B 261 -8.85 40.37 3.46
CA LEU B 261 -9.66 41.43 4.05
C LEU B 261 -10.96 40.91 4.64
N GLN B 262 -11.44 39.76 4.18
CA GLN B 262 -12.66 39.19 4.75
C GLN B 262 -12.51 38.85 6.23
N GLU B 263 -11.28 38.69 6.70
CA GLU B 263 -11.10 38.35 8.11
C GLU B 263 -11.06 39.58 9.01
N ASP B 264 -10.97 40.77 8.42
CA ASP B 264 -10.92 42.01 9.19
C ASP B 264 -12.15 42.88 9.04
N SER B 265 -12.81 42.84 7.88
CA SER B 265 -14.04 43.61 7.65
C SER B 265 -15.15 42.79 7.00
N PRO B 266 -15.49 41.62 7.54
CA PRO B 266 -16.55 40.82 6.90
C PRO B 266 -17.91 41.50 6.93
N ASP B 267 -18.21 42.29 7.95
CA ASP B 267 -19.53 42.91 7.97
C ASP B 267 -19.61 44.08 6.99
N ALA B 268 -18.53 44.86 6.88
CA ALA B 268 -18.49 45.92 5.86
C ALA B 268 -18.60 45.33 4.47
N ILE B 269 -17.80 44.30 4.18
CA ILE B 269 -17.86 43.62 2.89
C ILE B 269 -19.27 43.09 2.64
N GLY B 270 -19.85 42.42 3.63
CA GLY B 270 -21.18 41.87 3.46
C GLY B 270 -22.23 42.93 3.19
N ALA B 271 -22.15 44.07 3.88
CA ALA B 271 -23.13 45.14 3.65
C ALA B 271 -22.99 45.72 2.24
N ALA B 272 -21.74 45.90 1.79
CA ALA B 272 -21.51 46.40 0.45
C ALA B 272 -22.01 45.43 -0.61
N VAL B 273 -21.72 44.14 -0.43
CA VAL B 273 -22.16 43.15 -1.40
C VAL B 273 -23.69 43.05 -1.41
N ARG B 274 -24.31 43.11 -0.23
CA ARG B 274 -25.77 43.04 -0.16
C ARG B 274 -26.40 44.22 -0.87
N ALA B 275 -25.87 45.42 -0.65
CA ALA B 275 -26.39 46.60 -1.34
C ALA B 275 -26.27 46.44 -2.85
N PHE B 276 -25.09 46.02 -3.31
CA PHE B 276 -24.84 45.80 -4.73
C PHE B 276 -25.82 44.78 -5.31
N VAL B 277 -26.03 43.68 -4.60
CA VAL B 277 -26.88 42.60 -5.09
C VAL B 277 -28.32 43.05 -5.19
N LEU B 278 -28.82 43.73 -4.16
CA LEU B 278 -30.20 44.22 -4.22
C LEU B 278 -30.37 45.18 -5.38
N ASP B 279 -29.39 46.07 -5.60
CA ASP B 279 -29.45 46.95 -6.76
C ASP B 279 -29.47 46.15 -8.07
N VAL B 280 -28.63 45.12 -8.15
CA VAL B 280 -28.52 44.35 -9.38
C VAL B 280 -29.85 43.65 -9.69
N ARG B 281 -30.46 43.04 -8.67
CA ARG B 281 -31.73 42.36 -8.87
C ARG B 281 -32.85 43.34 -9.19
N GLU B 282 -32.79 44.55 -8.64
CA GLU B 282 -33.83 45.53 -8.93
C GLU B 282 -33.74 46.02 -10.37
N ARG B 283 -32.52 46.18 -10.89
CA ARG B 283 -32.38 46.61 -12.28
C ARG B 283 -32.61 45.49 -13.29
N GLN B 284 -32.51 44.22 -12.87
CA GLN B 284 -32.71 43.10 -13.80
C GLN B 284 -34.20 42.84 -14.01
N MET C 1 -26.59 -12.11 19.24
CA MET C 1 -25.42 -11.74 18.46
C MET C 1 -25.59 -12.08 16.99
N LYS C 2 -25.31 -11.13 16.12
CA LYS C 2 -25.23 -11.47 14.71
C LYS C 2 -23.90 -12.18 14.45
N ARG C 3 -23.80 -12.80 13.29
CA ARG C 3 -22.56 -13.46 12.90
C ARG C 3 -22.37 -13.28 11.41
N VAL C 4 -21.14 -13.02 10.96
CA VAL C 4 -20.91 -12.90 9.53
C VAL C 4 -19.56 -13.51 9.14
N ASP C 5 -19.52 -14.21 8.01
CA ASP C 5 -18.27 -14.76 7.50
C ASP C 5 -17.29 -13.64 7.19
N VAL C 6 -16.02 -13.82 7.59
CA VAL C 6 -14.97 -12.87 7.26
C VAL C 6 -13.73 -13.66 6.89
N LEU C 7 -13.31 -13.53 5.64
CA LEU C 7 -12.22 -14.36 5.10
C LEU C 7 -12.49 -15.82 5.40
N ASP C 8 -11.54 -16.49 6.05
CA ASP C 8 -11.67 -17.92 6.31
C ASP C 8 -12.29 -18.20 7.68
N SER C 9 -12.91 -17.21 8.31
CA SER C 9 -13.48 -17.44 9.63
C SER C 9 -14.86 -16.77 9.70
N ALA C 10 -15.34 -16.57 10.93
CA ALA C 10 -16.61 -15.87 11.13
C ALA C 10 -16.55 -15.02 12.38
N MET C 11 -17.15 -13.83 12.31
CA MET C 11 -17.08 -12.82 13.36
C MET C 11 -18.49 -12.55 13.90
N SER C 12 -18.69 -12.82 15.19
CA SER C 12 -19.91 -12.49 15.92
C SER C 12 -19.88 -11.06 16.42
N TYR C 13 -21.06 -10.45 16.55
CA TYR C 13 -21.07 -9.05 16.94
C TYR C 13 -22.44 -8.63 17.49
N ILE C 14 -22.39 -7.75 18.50
CA ILE C 14 -23.57 -7.03 18.95
C ILE C 14 -24.01 -6.08 17.85
N ASP C 15 -25.34 -5.95 17.66
CA ASP C 15 -25.92 -5.03 16.69
C ASP C 15 -27.29 -4.60 17.20
N VAL C 16 -27.36 -3.43 17.84
CA VAL C 16 -28.60 -2.95 18.48
C VAL C 16 -28.79 -1.47 18.17
N GLY C 17 -30.03 -1.04 17.97
CA GLY C 17 -30.25 0.37 17.69
C GLY C 17 -30.31 0.69 16.21
N GLN C 18 -30.54 1.97 15.92
CA GLN C 18 -30.78 2.42 14.56
C GLN C 18 -30.03 3.71 14.29
N GLY C 19 -29.68 3.91 13.03
CA GLY C 19 -29.10 5.17 12.63
C GLY C 19 -27.64 5.07 12.27
N ASP C 20 -26.91 6.17 12.42
CA ASP C 20 -25.51 6.17 12.08
C ASP C 20 -24.74 5.23 13.02
N PRO C 21 -23.66 4.60 12.54
CA PRO C 21 -23.04 3.52 13.32
C PRO C 21 -22.12 4.05 14.40
N ILE C 22 -22.12 3.34 15.53
CA ILE C 22 -21.20 3.56 16.64
C ILE C 22 -20.58 2.19 16.89
N VAL C 23 -19.28 2.07 16.63
CA VAL C 23 -18.58 0.79 16.62
C VAL C 23 -17.66 0.72 17.82
N PHE C 24 -17.89 -0.27 18.66
CA PHE C 24 -17.12 -0.51 19.88
C PHE C 24 -16.10 -1.61 19.62
N LEU C 25 -14.80 -1.31 19.81
CA LEU C 25 -13.72 -2.26 19.56
C LEU C 25 -12.96 -2.54 20.87
N HIS C 26 -12.99 -3.79 21.29
CA HIS C 26 -12.30 -4.31 22.45
C HIS C 26 -10.88 -4.73 22.07
N GLY C 27 -10.03 -4.91 23.08
CA GLY C 27 -8.68 -5.43 22.92
C GLY C 27 -8.46 -6.75 23.64
N ASN C 28 -7.31 -6.93 24.30
CA ASN C 28 -6.86 -8.23 24.82
C ASN C 28 -7.08 -8.34 26.32
N PRO C 29 -7.59 -9.45 26.89
CA PRO C 29 -8.21 -10.63 26.30
C PRO C 29 -9.75 -10.55 26.36
N THR C 30 -10.34 -9.46 25.87
CA THR C 30 -11.75 -9.22 26.16
C THR C 30 -12.62 -9.50 24.93
N SER C 31 -13.80 -8.89 24.89
CA SER C 31 -14.74 -9.08 23.79
C SER C 31 -15.78 -7.97 23.89
N SER C 32 -16.82 -8.06 23.05
CA SER C 32 -17.94 -7.13 23.17
C SER C 32 -18.51 -7.11 24.57
N TYR C 33 -18.25 -8.15 25.38
CA TYR C 33 -18.76 -8.21 26.74
C TYR C 33 -18.30 -7.02 27.56
N LEU C 34 -17.08 -6.55 27.30
CA LEU C 34 -16.51 -5.41 28.02
C LEU C 34 -17.38 -4.16 27.87
N TRP C 35 -18.09 -4.02 26.76
CA TRP C 35 -18.89 -2.84 26.46
C TRP C 35 -20.35 -2.97 26.89
N ARG C 36 -20.70 -4.04 27.61
CA ARG C 36 -22.10 -4.39 27.84
C ARG C 36 -22.84 -3.31 28.63
N ASN C 37 -22.15 -2.62 29.54
CA ASN C 37 -22.78 -1.60 30.36
C ASN C 37 -22.60 -0.22 29.77
N VAL C 38 -21.83 -0.09 28.69
CA VAL C 38 -21.62 1.19 28.05
C VAL C 38 -22.61 1.38 26.91
N ILE C 39 -22.82 0.33 26.12
CA ILE C 39 -23.71 0.33 24.95
C ILE C 39 -25.12 0.83 25.28
N PRO C 40 -25.74 0.50 26.42
CA PRO C 40 -27.10 1.00 26.65
C PRO C 40 -27.20 2.52 26.77
N HIS C 41 -26.08 3.22 26.95
CA HIS C 41 -26.11 4.68 26.94
C HIS C 41 -26.12 5.24 25.53
N LEU C 42 -25.96 4.37 24.53
CA LEU C 42 -25.86 4.80 23.15
C LEU C 42 -26.92 4.18 22.24
N SER C 43 -27.52 3.05 22.63
CA SER C 43 -28.32 2.28 21.69
C SER C 43 -29.62 2.98 21.28
N ASP C 44 -30.00 4.06 21.95
CA ASP C 44 -31.15 4.82 21.49
C ASP C 44 -30.78 6.02 20.63
N VAL C 45 -29.48 6.30 20.45
CA VAL C 45 -29.08 7.45 19.64
C VAL C 45 -28.18 7.04 18.48
N GLY C 46 -28.08 5.75 18.20
CA GLY C 46 -27.38 5.28 17.02
C GLY C 46 -27.39 3.77 16.97
N ARG C 47 -26.89 3.22 15.87
CA ARG C 47 -26.77 1.77 15.71
C ARG C 47 -25.43 1.33 16.31
N CYS C 48 -25.49 0.63 17.45
CA CYS C 48 -24.29 0.18 18.16
C CYS C 48 -23.89 -1.20 17.65
N LEU C 49 -22.67 -1.31 17.16
CA LEU C 49 -22.09 -2.58 16.73
C LEU C 49 -20.84 -2.82 17.54
N ALA C 50 -20.68 -4.05 18.02
CA ALA C 50 -19.52 -4.41 18.84
C ALA C 50 -19.07 -5.80 18.43
N PRO C 51 -18.06 -5.91 17.57
CA PRO C 51 -17.58 -7.22 17.15
C PRO C 51 -16.63 -7.87 18.15
N ASP C 52 -16.68 -9.20 18.18
CA ASP C 52 -15.66 -9.99 18.86
C ASP C 52 -14.57 -10.32 17.84
N LEU C 53 -13.33 -9.92 18.11
CA LEU C 53 -12.24 -10.20 17.18
C LEU C 53 -12.04 -11.70 16.99
N ILE C 54 -11.49 -12.09 15.84
CA ILE C 54 -11.32 -13.51 15.54
C ILE C 54 -10.49 -14.19 16.64
N GLY C 55 -10.90 -15.38 17.03
CA GLY C 55 -10.22 -16.12 18.08
C GLY C 55 -10.58 -15.68 19.48
N MET C 56 -11.53 -14.75 19.63
CA MET C 56 -11.87 -14.19 20.93
C MET C 56 -13.38 -14.13 21.06
N GLY C 57 -13.84 -13.92 22.29
CA GLY C 57 -15.28 -13.82 22.52
C GLY C 57 -16.03 -15.01 21.95
N ALA C 58 -17.12 -14.72 21.24
CA ALA C 58 -17.94 -15.76 20.62
C ALA C 58 -17.58 -16.01 19.16
N SER C 59 -16.57 -15.34 18.62
CA SER C 59 -16.33 -15.44 17.19
C SER C 59 -15.61 -16.74 16.85
N GLY C 60 -15.50 -17.00 15.55
CA GLY C 60 -14.77 -18.15 15.08
C GLY C 60 -13.28 -17.93 15.26
N THR C 61 -12.50 -18.94 14.94
CA THR C 61 -11.07 -18.87 15.13
C THR C 61 -10.36 -18.80 13.78
N SER C 62 -9.05 -18.59 13.84
CA SER C 62 -8.26 -18.58 12.63
C SER C 62 -7.77 -19.99 12.32
N PRO C 63 -8.18 -20.60 11.20
CA PRO C 63 -7.79 -22.00 10.95
C PRO C 63 -6.29 -22.20 10.75
N THR C 64 -5.58 -21.19 10.26
CA THR C 64 -4.13 -21.18 10.18
C THR C 64 -3.49 -20.54 11.39
N PHE C 65 -4.26 -20.27 12.45
CA PHE C 65 -3.71 -19.71 13.67
C PHE C 65 -2.89 -18.45 13.37
N SER C 66 -3.45 -17.60 12.50
CA SER C 66 -2.80 -16.36 12.10
C SER C 66 -3.39 -15.24 12.94
N TYR C 67 -2.66 -14.84 14.00
CA TYR C 67 -3.19 -13.94 15.03
C TYR C 67 -2.28 -12.72 15.24
N ARG C 68 -1.53 -12.35 14.22
CA ARG C 68 -0.79 -11.11 14.36
CA ARG C 68 -0.78 -11.11 14.30
C ARG C 68 -1.73 -9.92 14.14
N PHE C 69 -1.24 -8.73 14.50
CA PHE C 69 -2.02 -7.51 14.33
C PHE C 69 -2.53 -7.37 12.91
N ALA C 70 -1.67 -7.63 11.91
CA ALA C 70 -2.08 -7.45 10.52
C ALA C 70 -3.19 -8.43 10.14
N ASP C 71 -3.20 -9.60 10.77
CA ASP C 71 -4.25 -10.58 10.51
C ASP C 71 -5.59 -10.05 11.02
N HIS C 72 -5.60 -9.53 12.24
CA HIS C 72 -6.83 -8.94 12.78
C HIS C 72 -7.26 -7.75 11.95
N VAL C 73 -6.31 -6.97 11.43
CA VAL C 73 -6.68 -5.85 10.57
C VAL C 73 -7.46 -6.36 9.37
N ARG C 74 -6.99 -7.45 8.74
CA ARG C 74 -7.70 -7.98 7.56
C ARG C 74 -9.06 -8.57 7.92
N TYR C 75 -9.12 -9.36 8.99
CA TYR C 75 -10.40 -9.88 9.45
C TYR C 75 -11.38 -8.73 9.74
N LEU C 76 -10.92 -7.68 10.43
CA LEU C 76 -11.85 -6.63 10.84
C LEU C 76 -12.25 -5.75 9.66
N ASP C 77 -11.34 -5.52 8.71
CA ASP C 77 -11.74 -4.91 7.43
C ASP C 77 -12.85 -5.71 6.75
N ALA C 78 -12.68 -7.04 6.68
CA ALA C 78 -13.72 -7.88 6.10
C ALA C 78 -15.05 -7.69 6.83
N TRP C 79 -14.98 -7.50 8.15
CA TRP C 79 -16.20 -7.23 8.91
C TRP C 79 -16.83 -5.89 8.50
N PHE C 80 -16.04 -4.81 8.57
CA PHE C 80 -16.54 -3.49 8.16
C PHE C 80 -17.22 -3.58 6.80
N GLU C 81 -16.61 -4.33 5.87
CA GLU C 81 -17.10 -4.33 4.50
C GLU C 81 -18.34 -5.20 4.36
N ALA C 82 -18.37 -6.38 4.98
CA ALA C 82 -19.53 -7.25 4.86
C ALA C 82 -20.76 -6.64 5.50
N VAL C 83 -20.59 -5.92 6.62
CA VAL C 83 -21.73 -5.31 7.29
C VAL C 83 -22.09 -3.96 6.70
N GLY C 84 -21.19 -3.37 5.91
CA GLY C 84 -21.41 -2.07 5.32
C GLY C 84 -21.21 -0.90 6.26
N ILE C 85 -20.27 -1.00 7.19
CA ILE C 85 -20.03 0.08 8.17
C ILE C 85 -18.94 0.97 7.59
N THR C 86 -19.33 1.82 6.63
CA THR C 86 -18.39 2.63 5.88
C THR C 86 -18.79 4.10 5.78
N GLU C 87 -19.82 4.53 6.49
CA GLU C 87 -20.28 5.91 6.46
C GLU C 87 -20.53 6.39 7.88
N ASN C 88 -20.11 7.62 8.17
CA ASN C 88 -20.49 8.32 9.41
C ASN C 88 -20.21 7.48 10.65
N VAL C 89 -19.03 6.88 10.71
CA VAL C 89 -18.72 5.91 11.75
C VAL C 89 -18.11 6.64 12.94
N VAL C 90 -18.71 6.48 14.12
CA VAL C 90 -18.06 6.88 15.35
C VAL C 90 -17.43 5.62 15.94
N LEU C 91 -16.11 5.68 16.17
CA LEU C 91 -15.37 4.59 16.79
C LEU C 91 -15.22 4.85 18.28
N VAL C 92 -15.37 3.78 19.08
CA VAL C 92 -15.22 3.81 20.52
C VAL C 92 -14.32 2.64 20.83
N VAL C 93 -13.08 2.92 21.24
CA VAL C 93 -12.00 1.94 21.10
C VAL C 93 -11.15 1.93 22.37
N HIS C 94 -10.52 0.77 22.62
CA HIS C 94 -9.79 0.51 23.85
C HIS C 94 -8.69 -0.49 23.54
N ASP C 95 -7.50 -0.26 24.07
CA ASP C 95 -6.42 -1.28 24.00
C ASP C 95 -6.18 -1.66 22.53
N TRP C 96 -6.04 -2.95 22.19
CA TRP C 96 -5.78 -3.28 20.80
C TRP C 96 -6.92 -2.87 19.86
N GLY C 97 -8.16 -2.76 20.37
CA GLY C 97 -9.22 -2.20 19.56
C GLY C 97 -8.92 -0.77 19.11
N SER C 98 -8.23 -0.01 19.96
CA SER C 98 -7.82 1.32 19.54
C SER C 98 -6.84 1.23 18.39
N ALA C 99 -5.90 0.29 18.46
CA ALA C 99 -4.94 0.13 17.37
C ALA C 99 -5.66 -0.19 16.08
N LEU C 100 -6.70 -1.04 16.17
CA LEU C 100 -7.42 -1.40 14.95
C LEU C 100 -8.22 -0.22 14.44
N GLY C 101 -8.92 0.49 15.35
CA GLY C 101 -9.72 1.61 14.90
C GLY C 101 -8.88 2.74 14.34
N PHE C 102 -7.80 3.07 15.05
CA PHE C 102 -6.89 4.11 14.58
C PHE C 102 -6.36 3.76 13.21
N TYR C 103 -6.04 2.48 12.99
CA TYR C 103 -5.46 2.08 11.71
C TYR C 103 -6.51 2.18 10.62
N ARG C 104 -7.74 1.78 10.96
CA ARG C 104 -8.86 1.98 10.03
C ARG C 104 -9.02 3.46 9.70
N ALA C 105 -8.95 4.33 10.72
CA ALA C 105 -9.16 5.74 10.46
C ALA C 105 -8.06 6.28 9.57
N LEU C 106 -6.84 5.77 9.75
CA LEU C 106 -5.74 6.27 8.93
C LEU C 106 -6.00 6.01 7.47
N ARG C 107 -6.53 4.82 7.17
CA ARG C 107 -6.67 4.39 5.79
C ARG C 107 -7.95 4.90 5.16
N TYR C 108 -9.00 5.09 5.96
CA TYR C 108 -10.32 5.48 5.46
C TYR C 108 -10.85 6.67 6.25
N PRO C 109 -10.12 7.79 6.27
CA PRO C 109 -10.54 8.90 7.13
C PRO C 109 -11.86 9.50 6.70
N GLU C 110 -12.24 9.32 5.43
CA GLU C 110 -13.53 9.81 4.96
C GLU C 110 -14.70 9.10 5.61
N GLN C 111 -14.50 7.87 6.10
CA GLN C 111 -15.60 7.10 6.67
C GLN C 111 -15.89 7.41 8.14
N ILE C 112 -15.03 8.18 8.80
CA ILE C 112 -14.97 8.26 10.25
C ILE C 112 -15.48 9.63 10.65
N ALA C 113 -16.59 9.66 11.39
CA ALA C 113 -17.19 10.89 11.90
C ALA C 113 -16.64 11.28 13.27
N GLY C 114 -16.12 10.32 14.04
CA GLY C 114 -15.52 10.68 15.31
C GLY C 114 -14.85 9.49 15.97
N ILE C 115 -13.94 9.79 16.90
CA ILE C 115 -13.22 8.75 17.63
C ILE C 115 -13.24 9.07 19.12
N ALA C 116 -13.80 8.15 19.92
CA ALA C 116 -13.68 8.16 21.36
C ALA C 116 -12.74 7.01 21.75
N TYR C 117 -11.69 7.31 22.51
CA TYR C 117 -10.73 6.28 22.82
C TYR C 117 -10.34 6.37 24.29
N MET C 118 -9.87 5.24 24.81
CA MET C 118 -9.54 5.11 26.22
C MET C 118 -8.48 4.02 26.34
N ASP C 119 -7.55 4.24 27.26
CA ASP C 119 -6.32 3.44 27.44
C ASP C 119 -5.89 2.77 26.14
N ALA C 120 -5.50 3.62 25.20
CA ALA C 120 -5.31 3.32 23.78
C ALA C 120 -3.83 3.25 23.44
N LEU C 121 -3.50 2.53 22.34
CA LEU C 121 -2.14 2.50 21.78
C LEU C 121 -2.02 3.70 20.85
N VAL C 122 -1.54 4.84 21.39
CA VAL C 122 -1.54 6.11 20.65
C VAL C 122 -0.24 6.32 19.87
N GLN C 123 0.82 5.65 20.24
CA GLN C 123 2.08 5.69 19.50
C GLN C 123 2.85 4.44 19.86
N PRO C 124 3.95 4.15 19.17
CA PRO C 124 4.81 3.05 19.62
C PRO C 124 5.24 3.28 21.06
N ARG C 125 5.27 2.18 21.84
CA ARG C 125 5.54 2.19 23.26
C ARG C 125 7.05 2.13 23.54
N THR C 126 7.42 2.56 24.74
CA THR C 126 8.74 2.37 25.32
C THR C 126 8.54 1.60 26.62
N TRP C 127 9.58 0.90 27.08
CA TRP C 127 9.37 0.09 28.28
C TRP C 127 8.99 0.95 29.50
N ALA C 128 9.49 2.19 29.61
CA ALA C 128 9.16 3.03 30.76
C ALA C 128 7.65 3.23 30.87
N GLY C 129 6.98 3.41 29.74
CA GLY C 129 5.53 3.66 29.77
C GLY C 129 4.72 2.52 30.32
N PHE C 130 5.29 1.31 30.36
CA PHE C 130 4.53 0.16 30.89
C PHE C 130 4.35 0.25 32.39
N THR C 131 5.16 1.08 33.07
CA THR C 131 5.18 1.15 34.53
C THR C 131 5.10 -0.23 35.15
N ASP C 132 4.11 -0.46 36.03
CA ASP C 132 4.17 -1.71 36.78
C ASP C 132 3.74 -2.94 35.97
N TYR C 133 3.39 -2.77 34.68
CA TYR C 133 3.16 -3.89 33.78
C TYR C 133 4.44 -4.33 33.07
N GLU C 134 5.55 -3.66 33.31
CA GLU C 134 6.77 -3.99 32.57
C GLU C 134 7.26 -5.43 32.80
N PRO C 135 7.28 -5.97 34.03
CA PRO C 135 7.79 -7.34 34.19
C PRO C 135 6.98 -8.37 33.41
N LEU C 136 5.67 -8.42 33.70
CA LEU C 136 4.80 -9.37 33.00
C LEU C 136 5.02 -9.34 31.49
N MET C 137 4.91 -8.15 30.90
CA MET C 137 4.99 -8.07 29.45
C MET C 137 6.38 -8.39 28.96
N ARG C 138 7.40 -7.93 29.69
CA ARG C 138 8.75 -8.34 29.30
C ARG C 138 8.86 -9.85 29.26
N ALA C 139 8.32 -10.52 30.29
CA ALA C 139 8.49 -11.97 30.34
C ALA C 139 7.63 -12.65 29.29
N LEU C 140 6.49 -12.05 28.92
CA LEU C 140 5.63 -12.70 27.94
C LEU C 140 6.28 -12.73 26.57
N ARG C 141 7.23 -11.84 26.32
CA ARG C 141 7.93 -11.78 25.05
C ARG C 141 9.22 -12.59 25.07
N THR C 142 9.43 -13.40 26.09
CA THR C 142 10.43 -14.44 26.13
C THR C 142 9.75 -15.80 25.99
N GLU C 143 10.55 -16.85 26.03
CA GLU C 143 10.07 -18.23 25.96
C GLU C 143 9.21 -18.63 27.13
N GLN C 144 9.19 -17.85 28.21
CA GLN C 144 8.27 -18.15 29.30
C GLN C 144 6.82 -17.84 28.94
N GLY C 145 6.61 -17.03 27.90
CA GLY C 145 5.26 -16.57 27.60
C GLY C 145 4.30 -17.70 27.30
N GLU C 146 4.78 -18.74 26.60
CA GLU C 146 3.94 -19.90 26.31
C GLU C 146 3.38 -20.49 27.60
N ARG C 147 4.24 -20.67 28.61
CA ARG C 147 3.73 -21.21 29.87
C ARG C 147 2.78 -20.21 30.51
N MET C 148 3.13 -18.92 30.43
CA MET C 148 2.37 -17.93 31.18
C MET C 148 0.99 -17.73 30.56
N ALA C 149 0.93 -17.49 29.25
CA ALA C 149 -0.33 -17.21 28.60
C ALA C 149 -1.09 -18.49 28.24
N LEU C 150 -0.39 -19.52 27.76
CA LEU C 150 -1.09 -20.69 27.25
C LEU C 150 -1.40 -21.71 28.34
N ALA C 151 -0.40 -22.07 29.15
CA ALA C 151 -0.62 -23.08 30.17
C ALA C 151 -1.39 -22.52 31.36
N GLU C 152 -1.10 -21.27 31.74
CA GLU C 152 -1.62 -20.68 32.96
C GLU C 152 -2.68 -19.60 32.71
N ASN C 153 -2.88 -19.19 31.46
CA ASN C 153 -3.99 -18.29 31.10
C ASN C 153 -3.91 -16.99 31.89
N VAL C 154 -2.71 -16.40 31.91
CA VAL C 154 -2.42 -15.28 32.81
C VAL C 154 -3.25 -14.04 32.46
N PHE C 155 -3.59 -13.86 31.18
CA PHE C 155 -4.32 -12.65 30.82
C PHE C 155 -5.71 -12.65 31.42
N VAL C 156 -6.40 -13.79 31.36
CA VAL C 156 -7.73 -13.84 31.95
C VAL C 156 -7.66 -13.96 33.45
N GLU C 157 -6.79 -14.84 33.97
CA GLU C 157 -6.88 -15.14 35.38
C GLU C 157 -6.19 -14.10 36.27
N LYS C 158 -5.21 -13.37 35.75
CA LYS C 158 -4.54 -12.36 36.55
C LYS C 158 -4.73 -10.94 36.01
N VAL C 159 -4.53 -10.73 34.71
CA VAL C 159 -4.51 -9.38 34.18
C VAL C 159 -5.90 -8.73 34.24
N VAL C 160 -6.93 -9.45 33.78
CA VAL C 160 -8.28 -8.88 33.81
C VAL C 160 -8.67 -8.45 35.23
N PRO C 161 -8.59 -9.30 36.26
CA PRO C 161 -8.96 -8.84 37.62
C PRO C 161 -8.00 -7.80 38.19
N GLY C 162 -6.71 -7.86 37.86
CA GLY C 162 -5.81 -6.82 38.33
C GLY C 162 -6.02 -5.50 37.64
N GLY C 163 -6.73 -5.50 36.51
CA GLY C 163 -7.04 -4.28 35.80
C GLY C 163 -8.38 -3.67 36.14
N VAL C 164 -9.03 -4.13 37.21
CA VAL C 164 -10.36 -3.69 37.63
C VAL C 164 -10.29 -3.33 39.10
N GLN C 165 -10.85 -2.18 39.48
CA GLN C 165 -10.77 -1.70 40.86
C GLN C 165 -11.73 -2.46 41.78
N ARG C 166 -12.99 -2.59 41.37
CA ARG C 166 -13.91 -3.43 42.11
C ARG C 166 -13.54 -4.90 41.92
N GLN C 167 -14.20 -5.77 42.66
CA GLN C 167 -13.97 -7.20 42.51
C GLN C 167 -14.99 -7.77 41.53
N LEU C 168 -14.50 -8.40 40.47
CA LEU C 168 -15.38 -9.09 39.53
C LEU C 168 -16.07 -10.26 40.20
N THR C 169 -17.32 -10.50 39.81
CA THR C 169 -18.00 -11.68 40.28
C THR C 169 -17.46 -12.92 39.59
N GLU C 170 -17.78 -14.10 40.14
CA GLU C 170 -17.36 -15.32 39.50
C GLU C 170 -18.12 -15.55 38.20
N GLU C 171 -19.37 -15.08 38.12
CA GLU C 171 -20.09 -15.11 36.85
C GLU C 171 -19.39 -14.25 35.79
N GLU C 172 -18.95 -13.05 36.16
CA GLU C 172 -18.22 -12.21 35.20
C GLU C 172 -16.93 -12.89 34.77
N MET C 173 -16.18 -13.45 35.73
CA MET C 173 -14.94 -14.15 35.40
C MET C 173 -15.23 -15.33 34.47
N ALA C 174 -16.32 -16.05 34.71
CA ALA C 174 -16.66 -17.21 33.90
C ALA C 174 -16.93 -16.81 32.46
N VAL C 175 -17.62 -15.67 32.27
CA VAL C 175 -17.77 -15.14 30.91
C VAL C 175 -16.40 -14.90 30.28
N TYR C 176 -15.55 -14.15 30.99
CA TYR C 176 -14.25 -13.78 30.41
C TYR C 176 -13.39 -15.00 30.08
N ARG C 177 -13.48 -16.08 30.85
CA ARG C 177 -12.64 -17.22 30.51
C ARG C 177 -13.30 -18.20 29.55
N THR C 178 -14.54 -17.93 29.12
CA THR C 178 -15.25 -18.88 28.27
C THR C 178 -14.58 -19.14 26.93
N PRO C 179 -14.06 -18.13 26.21
CA PRO C 179 -13.39 -18.41 24.93
C PRO C 179 -12.05 -19.11 25.10
N TYR C 180 -11.59 -19.37 26.33
CA TYR C 180 -10.22 -19.81 26.58
C TYR C 180 -10.14 -21.03 27.50
N PRO C 181 -10.87 -22.12 27.18
CA PRO C 181 -10.82 -23.29 28.05
C PRO C 181 -9.57 -24.15 27.88
N THR C 182 -8.84 -24.05 26.77
CA THR C 182 -7.68 -24.91 26.55
C THR C 182 -6.44 -24.07 26.33
N PRO C 183 -5.25 -24.62 26.62
CA PRO C 183 -4.02 -23.92 26.21
C PRO C 183 -4.04 -23.55 24.73
N GLN C 184 -4.46 -24.47 23.87
CA GLN C 184 -4.47 -24.21 22.43
C GLN C 184 -5.51 -23.20 22.01
N SER C 185 -6.35 -22.73 22.94
CA SER C 185 -7.31 -21.69 22.61
C SER C 185 -6.76 -20.30 22.95
N ARG C 186 -5.70 -20.21 23.73
CA ARG C 186 -5.22 -18.97 24.32
C ARG C 186 -4.18 -18.25 23.47
N ILE C 187 -3.91 -18.75 22.25
CA ILE C 187 -2.85 -18.17 21.42
C ILE C 187 -3.09 -16.70 21.08
N PRO C 188 -4.31 -16.24 20.79
CA PRO C 188 -4.50 -14.79 20.59
C PRO C 188 -4.00 -13.91 21.74
N THR C 189 -4.10 -14.37 22.99
CA THR C 189 -3.68 -13.51 24.10
C THR C 189 -2.15 -13.36 24.12
N LEU C 190 -1.44 -14.45 23.82
CA LEU C 190 0.02 -14.40 23.77
C LEU C 190 0.49 -13.54 22.60
N LEU C 191 -0.14 -13.75 21.43
CA LEU C 191 0.21 -12.96 20.26
C LEU C 191 -0.01 -11.48 20.51
N TRP C 192 -1.11 -11.10 21.18
CA TRP C 192 -1.36 -9.69 21.46
C TRP C 192 -0.25 -9.11 22.33
N ALA C 193 0.25 -9.86 23.32
CA ALA C 193 1.40 -9.35 24.08
C ALA C 193 2.63 -9.16 23.19
N ARG C 194 2.88 -10.13 22.31
CA ARG C 194 4.10 -10.11 21.52
C ARG C 194 4.03 -9.12 20.36
N GLU C 195 2.83 -8.67 19.99
CA GLU C 195 2.67 -7.73 18.90
C GLU C 195 2.85 -6.27 19.31
N ILE C 196 2.88 -5.97 20.60
CA ILE C 196 3.01 -4.57 21.00
C ILE C 196 4.31 -4.01 20.45
N PRO C 197 4.31 -2.86 19.76
CA PRO C 197 5.57 -2.26 19.28
C PRO C 197 6.26 -1.58 20.45
N VAL C 198 7.36 -2.17 20.91
CA VAL C 198 8.10 -1.58 22.01
C VAL C 198 9.52 -1.40 21.53
N GLU C 199 9.95 -0.14 21.41
CA GLU C 199 11.31 0.20 21.02
C GLU C 199 11.68 -0.50 19.72
N GLY C 200 10.76 -0.42 18.75
CA GLY C 200 11.03 -0.77 17.38
C GLY C 200 10.60 -2.16 16.94
N GLU C 201 10.27 -3.06 17.86
CA GLU C 201 9.90 -4.42 17.48
C GLU C 201 8.53 -4.81 18.02
N PRO C 202 7.73 -5.55 17.25
CA PRO C 202 8.04 -5.95 15.86
C PRO C 202 7.97 -4.74 14.91
N ALA C 203 8.83 -4.73 13.88
CA ALA C 203 8.98 -3.53 13.07
C ALA C 203 7.78 -3.26 12.16
N ASP C 204 7.05 -4.30 11.74
CA ASP C 204 5.88 -4.02 10.90
C ASP C 204 4.78 -3.33 11.69
N VAL C 205 4.51 -3.80 12.92
CA VAL C 205 3.50 -3.12 13.73
C VAL C 205 3.98 -1.72 14.12
N GLN C 206 5.27 -1.60 14.44
CA GLN C 206 5.80 -0.29 14.81
C GLN C 206 5.59 0.71 13.69
N ALA C 207 5.85 0.31 12.45
CA ALA C 207 5.59 1.18 11.30
C ALA C 207 4.12 1.55 11.19
N MET C 208 3.22 0.57 11.39
CA MET C 208 1.78 0.89 11.23
C MET C 208 1.30 1.84 12.31
N VAL C 209 1.73 1.61 13.54
CA VAL C 209 1.34 2.45 14.67
C VAL C 209 1.97 3.85 14.53
N GLN C 210 3.24 3.94 14.13
CA GLN C 210 3.82 5.27 13.91
C GLN C 210 3.05 6.02 12.82
N GLU C 211 2.59 5.29 11.80
CA GLU C 211 1.84 5.93 10.72
C GLU C 211 0.54 6.51 11.24
N TYR C 212 -0.23 5.74 12.00
CA TYR C 212 -1.48 6.36 12.44
C TYR C 212 -1.27 7.39 13.55
N ALA C 213 -0.18 7.31 14.31
CA ALA C 213 0.11 8.35 15.29
C ALA C 213 0.36 9.67 14.59
N ASP C 214 1.26 9.66 13.60
CA ASP C 214 1.52 10.84 12.78
C ASP C 214 0.23 11.39 12.19
N PHE C 215 -0.61 10.50 11.66
CA PHE C 215 -1.85 10.92 11.02
C PHE C 215 -2.80 11.60 12.01
N LEU C 216 -3.09 10.94 13.14
CA LEU C 216 -4.06 11.46 14.11
C LEU C 216 -3.56 12.71 14.82
N SER C 217 -2.25 12.87 14.95
CA SER C 217 -1.69 14.08 15.55
C SER C 217 -1.98 15.32 14.72
N ARG C 218 -2.40 15.15 13.47
CA ARG C 218 -2.74 16.28 12.61
C ARG C 218 -4.15 16.19 12.04
N SER C 219 -4.91 15.15 12.38
CA SER C 219 -6.26 14.96 11.88
C SER C 219 -7.29 15.84 12.58
N ASP C 220 -8.24 16.35 11.79
CA ASP C 220 -9.37 17.11 12.32
C ASP C 220 -10.59 16.26 12.62
N ILE C 221 -10.45 14.94 12.59
CA ILE C 221 -11.56 14.08 13.06
C ILE C 221 -11.86 14.43 14.51
N PRO C 222 -13.13 14.66 14.86
CA PRO C 222 -13.45 14.99 16.26
C PRO C 222 -13.10 13.83 17.17
N LYS C 223 -12.58 14.15 18.36
CA LYS C 223 -12.06 13.15 19.26
C LYS C 223 -12.54 13.38 20.69
N LEU C 224 -12.71 12.26 21.40
CA LEU C 224 -13.01 12.26 22.83
C LEU C 224 -12.03 11.32 23.48
N LEU C 225 -11.17 11.86 24.33
CA LEU C 225 -10.18 11.11 25.07
C LEU C 225 -10.74 10.93 26.47
N ILE C 226 -10.92 9.67 26.85
CA ILE C 226 -11.37 9.31 28.19
C ILE C 226 -10.16 8.79 28.94
N VAL C 227 -9.79 9.49 30.00
CA VAL C 227 -8.61 9.21 30.80
C VAL C 227 -9.09 8.53 32.07
N ALA C 228 -8.58 7.34 32.33
CA ALA C 228 -8.89 6.68 33.58
C ALA C 228 -7.88 7.12 34.62
N GLU C 229 -8.34 7.27 35.85
CA GLU C 229 -7.49 7.58 36.98
C GLU C 229 -7.52 6.38 37.91
N PRO C 230 -6.41 5.68 38.14
CA PRO C 230 -5.09 5.97 37.56
C PRO C 230 -4.88 5.45 36.12
N GLY C 231 -5.79 4.63 35.59
CA GLY C 231 -5.50 4.15 34.24
C GLY C 231 -4.27 3.26 34.21
N ALA C 232 -3.74 3.04 33.01
CA ALA C 232 -2.64 2.09 32.82
C ALA C 232 -1.74 2.54 31.68
N ILE C 233 -2.15 2.25 30.44
CA ILE C 233 -1.36 2.69 29.29
C ILE C 233 -1.28 4.21 29.25
N LEU C 234 -2.42 4.87 29.41
CA LEU C 234 -2.51 6.33 29.38
C LEU C 234 -2.63 6.80 30.82
N HIS C 235 -1.51 7.22 31.40
CA HIS C 235 -1.45 7.56 32.81
C HIS C 235 -0.79 8.93 32.98
N GLU C 236 -1.11 9.60 34.08
CA GLU C 236 -0.61 10.96 34.28
C GLU C 236 0.91 10.97 34.36
N GLY C 237 1.53 11.94 33.70
CA GLY C 237 2.96 12.01 33.62
C GLY C 237 3.59 11.15 32.54
N GLY C 238 2.83 10.27 31.89
CA GLY C 238 3.39 9.44 30.84
C GLY C 238 3.56 10.19 29.53
N SER C 239 4.57 9.77 28.74
CA SER C 239 4.74 10.32 27.40
C SER C 239 3.54 10.03 26.51
N GLU C 240 2.89 8.89 26.70
CA GLU C 240 1.85 8.52 25.74
C GLU C 240 0.59 9.34 25.96
N LEU C 241 0.16 9.48 27.22
CA LEU C 241 -0.93 10.41 27.53
C LEU C 241 -0.56 11.83 27.08
N ASP C 242 0.69 12.24 27.31
CA ASP C 242 1.09 13.58 26.91
C ASP C 242 0.92 13.77 25.41
N PHE C 243 1.28 12.76 24.63
CA PHE C 243 1.14 12.82 23.17
C PHE C 243 -0.33 12.85 22.77
N ALA C 244 -1.14 11.96 23.33
CA ALA C 244 -2.55 11.93 22.93
C ALA C 244 -3.22 13.27 23.23
N ARG C 245 -2.76 13.98 24.26
CA ARG C 245 -3.37 15.26 24.62
C ARG C 245 -3.00 16.39 23.68
N SER C 246 -2.01 16.21 22.82
CA SER C 246 -1.68 17.20 21.80
C SER C 246 -2.54 17.10 20.54
N TRP C 247 -3.39 16.09 20.43
CA TRP C 247 -4.12 15.85 19.20
C TRP C 247 -5.19 16.91 18.96
N PRO C 248 -5.46 17.26 17.70
CA PRO C 248 -6.41 18.34 17.43
C PRO C 248 -7.86 17.89 17.51
N ASN C 249 -8.74 18.89 17.60
CA ASN C 249 -10.19 18.76 17.66
C ASN C 249 -10.64 17.73 18.69
N GLN C 250 -10.12 17.86 19.93
CA GLN C 250 -10.28 16.83 20.95
C GLN C 250 -10.83 17.39 22.25
N ARG C 251 -11.73 16.64 22.89
CA ARG C 251 -12.21 16.90 24.23
C ARG C 251 -11.75 15.76 25.13
N GLU C 252 -11.67 16.05 26.42
CA GLU C 252 -11.16 15.10 27.39
C GLU C 252 -12.08 14.99 28.59
N VAL C 253 -12.32 13.76 29.01
CA VAL C 253 -13.13 13.45 30.19
C VAL C 253 -12.35 12.46 31.03
N LYS C 254 -12.34 12.66 32.36
CA LYS C 254 -11.69 11.76 33.30
C LYS C 254 -12.71 10.92 34.03
N VAL C 255 -12.42 9.62 34.21
CA VAL C 255 -13.25 8.70 34.98
C VAL C 255 -12.34 7.85 35.86
N ALA C 256 -12.94 7.24 36.89
CA ALA C 256 -12.22 6.31 37.74
C ALA C 256 -11.96 5.01 36.98
N GLY C 257 -10.71 4.55 36.98
CA GLY C 257 -10.45 3.21 36.51
C GLY C 257 -8.98 2.90 36.31
N ARG C 258 -8.67 1.60 36.31
CA ARG C 258 -7.39 1.07 35.87
C ARG C 258 -7.48 0.80 34.37
N HIS C 259 -6.86 -0.28 33.88
CA HIS C 259 -6.85 -0.53 32.43
C HIS C 259 -8.24 -0.85 31.89
N PHE C 260 -8.97 -1.74 32.56
CA PHE C 260 -10.30 -2.14 32.10
C PHE C 260 -11.37 -1.22 32.70
N LEU C 261 -11.25 0.08 32.38
CA LEU C 261 -12.06 1.10 33.01
C LEU C 261 -13.56 0.92 32.78
N GLN C 262 -13.96 0.20 31.73
CA GLN C 262 -15.37 -0.05 31.48
C GLN C 262 -16.01 -0.88 32.58
N GLU C 263 -15.23 -1.65 33.33
CA GLU C 263 -15.82 -2.41 34.42
C GLU C 263 -16.02 -1.59 35.70
N ASP C 264 -15.40 -0.41 35.82
CA ASP C 264 -15.50 0.42 37.01
C ASP C 264 -16.35 1.67 36.81
N SER C 265 -16.27 2.32 35.65
CA SER C 265 -17.02 3.55 35.38
C SER C 265 -17.84 3.50 34.10
N PRO C 266 -18.60 2.41 33.86
CA PRO C 266 -19.31 2.32 32.58
C PRO C 266 -20.31 3.43 32.35
N ASP C 267 -21.01 3.88 33.39
CA ASP C 267 -22.03 4.90 33.17
C ASP C 267 -21.40 6.24 32.84
N ALA C 268 -20.32 6.61 33.52
CA ALA C 268 -19.64 7.86 33.16
C ALA C 268 -19.07 7.81 31.75
N ILE C 269 -18.48 6.66 31.38
CA ILE C 269 -18.00 6.49 30.01
C ILE C 269 -19.15 6.63 29.03
N GLY C 270 -20.27 5.96 29.30
CA GLY C 270 -21.38 6.02 28.38
C GLY C 270 -21.96 7.42 28.25
N ALA C 271 -22.13 8.10 29.38
CA ALA C 271 -22.65 9.46 29.34
C ALA C 271 -21.75 10.39 28.53
N ALA C 272 -20.41 10.24 28.69
CA ALA C 272 -19.49 11.06 27.92
C ALA C 272 -19.53 10.73 26.43
N VAL C 273 -19.55 9.43 26.08
CA VAL C 273 -19.62 9.06 24.67
C VAL C 273 -20.93 9.54 24.05
N ARG C 274 -22.02 9.43 24.80
CA ARG C 274 -23.32 9.89 24.32
C ARG C 274 -23.29 11.38 24.00
N ALA C 275 -22.81 12.20 24.94
CA ALA C 275 -22.72 13.64 24.68
C ALA C 275 -21.89 13.92 23.43
N PHE C 276 -20.78 13.19 23.29
CA PHE C 276 -19.89 13.36 22.16
C PHE C 276 -20.57 12.99 20.85
N VAL C 277 -21.19 11.80 20.81
CA VAL C 277 -21.90 11.36 19.60
C VAL C 277 -22.95 12.39 19.20
N LEU C 278 -23.73 12.88 20.17
CA LEU C 278 -24.77 13.85 19.81
C LEU C 278 -24.16 15.13 19.22
N ASP C 279 -23.09 15.65 19.83
CA ASP C 279 -22.44 16.84 19.27
C ASP C 279 -21.91 16.58 17.87
N VAL C 280 -21.31 15.41 17.67
CA VAL C 280 -20.76 15.06 16.36
C VAL C 280 -21.87 15.00 15.33
N ARG C 281 -23.00 14.35 15.66
CA ARG C 281 -24.11 14.28 14.72
C ARG C 281 -24.71 15.65 14.46
N GLU C 282 -24.70 16.53 15.46
CA GLU C 282 -25.12 17.90 15.24
C GLU C 282 -24.33 18.54 14.12
N ARG C 283 -23.01 18.37 14.16
CA ARG C 283 -22.16 18.99 13.15
C ARG C 283 -22.09 18.21 11.84
N GLN C 284 -23.01 17.29 11.55
CA GLN C 284 -22.97 16.53 10.30
C GLN C 284 -23.78 17.22 9.22
N MET D 1 23.31 -32.84 18.18
CA MET D 1 22.97 -31.96 17.07
C MET D 1 23.65 -30.62 17.19
N LYS D 2 23.73 -29.91 16.07
CA LYS D 2 24.14 -28.52 16.06
C LYS D 2 22.89 -27.66 16.06
N ARG D 3 23.07 -26.38 16.37
CA ARG D 3 21.94 -25.47 16.50
C ARG D 3 22.37 -24.12 15.97
N VAL D 4 21.51 -23.45 15.22
CA VAL D 4 21.82 -22.10 14.75
C VAL D 4 20.59 -21.22 14.86
N ASP D 5 20.82 -19.95 15.20
CA ASP D 5 19.73 -18.98 15.17
C ASP D 5 19.29 -18.76 13.73
N VAL D 6 17.98 -18.66 13.54
CA VAL D 6 17.38 -18.39 12.25
C VAL D 6 16.19 -17.48 12.51
N LEU D 7 16.24 -16.25 11.97
CA LEU D 7 15.19 -15.28 12.21
C LEU D 7 14.94 -15.15 13.71
N ASP D 8 13.69 -15.33 14.16
CA ASP D 8 13.34 -15.20 15.57
C ASP D 8 13.30 -16.54 16.30
N SER D 9 13.87 -17.60 15.74
CA SER D 9 13.88 -18.91 16.38
C SER D 9 15.28 -19.51 16.22
N ALA D 10 15.42 -20.80 16.52
CA ALA D 10 16.67 -21.52 16.36
C ALA D 10 16.38 -22.92 15.84
N MET D 11 17.25 -23.43 14.96
CA MET D 11 17.04 -24.68 14.26
C MET D 11 18.16 -25.66 14.62
N SER D 12 17.77 -26.81 15.16
CA SER D 12 18.71 -27.91 15.36
C SER D 12 18.86 -28.71 14.07
N TYR D 13 20.02 -29.34 13.93
CA TYR D 13 20.30 -30.12 12.73
C TYR D 13 21.43 -31.10 12.98
N ILE D 14 21.32 -32.28 12.37
CA ILE D 14 22.46 -33.18 12.24
C ILE D 14 23.47 -32.56 11.27
N ASP D 15 24.76 -32.80 11.53
CA ASP D 15 25.84 -32.32 10.68
C ASP D 15 27.01 -33.29 10.88
N VAL D 16 27.08 -34.30 10.00
CA VAL D 16 28.09 -35.36 10.11
C VAL D 16 28.76 -35.54 8.76
N GLY D 17 30.06 -35.89 8.80
CA GLY D 17 30.81 -36.13 7.57
C GLY D 17 31.37 -34.88 6.91
N GLN D 18 32.26 -35.11 5.94
CA GLN D 18 32.93 -34.05 5.21
C GLN D 18 32.70 -34.21 3.71
N GLY D 19 32.74 -33.09 2.99
CA GLY D 19 32.58 -33.06 1.54
C GLY D 19 31.48 -32.12 1.12
N ASP D 20 31.14 -32.19 -0.17
CA ASP D 20 30.00 -31.43 -0.67
C ASP D 20 28.73 -31.84 0.07
N PRO D 21 27.82 -30.90 0.31
CA PRO D 21 26.70 -31.17 1.23
C PRO D 21 25.59 -32.01 0.61
N ILE D 22 25.02 -32.87 1.45
CA ILE D 22 23.79 -33.62 1.18
C ILE D 22 22.78 -33.27 2.27
N VAL D 23 21.64 -32.68 1.87
CA VAL D 23 20.71 -32.05 2.81
C VAL D 23 19.43 -32.89 2.84
N PHE D 24 19.10 -33.44 4.00
CA PHE D 24 17.93 -34.28 4.22
C PHE D 24 16.79 -33.45 4.82
N LEU D 25 15.65 -33.39 4.13
CA LEU D 25 14.50 -32.59 4.59
C LEU D 25 13.30 -33.48 4.88
N HIS D 26 12.93 -33.59 6.16
CA HIS D 26 11.78 -34.33 6.64
C HIS D 26 10.47 -33.55 6.45
N GLY D 27 9.36 -34.20 6.76
CA GLY D 27 8.03 -33.62 6.66
C GLY D 27 7.25 -33.76 7.96
N ASN D 28 5.94 -33.94 7.81
CA ASN D 28 4.99 -33.90 8.93
C ASN D 28 4.62 -35.31 9.36
N PRO D 29 4.69 -35.67 10.65
CA PRO D 29 5.15 -34.86 11.78
C PRO D 29 6.49 -35.37 12.28
N THR D 30 7.48 -35.44 11.40
CA THR D 30 8.71 -36.13 11.75
C THR D 30 9.81 -35.15 12.10
N SER D 31 11.06 -35.53 11.86
CA SER D 31 12.24 -34.72 12.14
C SER D 31 13.41 -35.44 11.47
N SER D 32 14.61 -34.94 11.74
CA SER D 32 15.82 -35.59 11.22
C SER D 32 15.93 -37.04 11.66
N TYR D 33 15.32 -37.39 12.80
CA TYR D 33 15.27 -38.79 13.25
C TYR D 33 14.83 -39.75 12.14
N LEU D 34 13.91 -39.31 11.28
CA LEU D 34 13.39 -40.17 10.22
C LEU D 34 14.53 -40.66 9.32
N TRP D 35 15.57 -39.86 9.16
CA TRP D 35 16.68 -40.15 8.27
C TRP D 35 17.79 -40.94 8.95
N ARG D 36 17.58 -41.36 10.20
CA ARG D 36 18.70 -41.84 11.00
C ARG D 36 19.37 -43.07 10.40
N ASN D 37 18.65 -43.89 9.63
CA ASN D 37 19.29 -45.05 9.04
C ASN D 37 19.58 -44.89 7.55
N VAL D 38 19.19 -43.76 6.97
CA VAL D 38 19.61 -43.42 5.60
C VAL D 38 20.92 -42.66 5.62
N ILE D 39 21.10 -41.79 6.62
CA ILE D 39 22.32 -40.98 6.68
C ILE D 39 23.60 -41.80 6.74
N PRO D 40 23.71 -42.88 7.52
CA PRO D 40 24.99 -43.61 7.56
C PRO D 40 25.38 -44.21 6.23
N HIS D 41 24.46 -44.35 5.28
CA HIS D 41 24.89 -44.77 3.94
C HIS D 41 25.55 -43.64 3.18
N LEU D 42 25.51 -42.41 3.68
CA LEU D 42 26.01 -41.26 2.94
C LEU D 42 27.11 -40.47 3.65
N SER D 43 27.42 -40.77 4.92
CA SER D 43 28.22 -39.85 5.73
C SER D 43 29.71 -40.02 5.51
N ASP D 44 30.12 -41.04 4.78
CA ASP D 44 31.50 -41.19 4.39
C ASP D 44 31.77 -40.65 3.00
N VAL D 45 30.77 -40.08 2.34
CA VAL D 45 30.98 -39.59 0.97
C VAL D 45 30.41 -38.19 0.81
N GLY D 46 29.98 -37.57 1.90
CA GLY D 46 29.47 -36.21 1.84
C GLY D 46 29.19 -35.66 3.22
N ARG D 47 29.02 -34.34 3.26
CA ARG D 47 28.63 -33.70 4.51
C ARG D 47 27.12 -33.80 4.61
N CYS D 48 26.64 -34.58 5.55
CA CYS D 48 25.23 -34.90 5.68
C CYS D 48 24.64 -33.95 6.71
N LEU D 49 23.68 -33.14 6.28
CA LEU D 49 23.01 -32.15 7.11
C LEU D 49 21.53 -32.47 7.13
N ALA D 50 20.96 -32.58 8.33
CA ALA D 50 19.54 -32.88 8.47
C ALA D 50 18.92 -31.97 9.52
N PRO D 51 18.27 -30.88 9.10
CA PRO D 51 17.62 -29.98 10.05
C PRO D 51 16.25 -30.47 10.50
N ASP D 52 15.84 -30.01 11.69
CA ASP D 52 14.47 -30.15 12.19
C ASP D 52 13.74 -28.84 11.96
N LEU D 53 12.65 -28.86 11.18
CA LEU D 53 11.94 -27.63 10.91
C LEU D 53 11.47 -26.98 12.22
N ILE D 54 11.31 -25.66 12.18
CA ILE D 54 10.89 -24.90 13.35
C ILE D 54 9.57 -25.43 13.87
N GLY D 55 9.48 -25.61 15.19
CA GLY D 55 8.32 -26.17 15.83
C GLY D 55 8.30 -27.69 15.88
N MET D 56 9.31 -28.34 15.32
CA MET D 56 9.32 -29.78 15.18
C MET D 56 10.65 -30.33 15.69
N GLY D 57 10.65 -31.63 15.96
CA GLY D 57 11.86 -32.27 16.45
C GLY D 57 12.44 -31.54 17.65
N ALA D 58 13.73 -31.25 17.60
CA ALA D 58 14.41 -30.61 18.71
C ALA D 58 14.60 -29.11 18.50
N SER D 59 14.10 -28.56 17.39
CA SER D 59 14.32 -27.15 17.12
C SER D 59 13.47 -26.28 18.06
N GLY D 60 13.75 -24.98 18.03
CA GLY D 60 12.92 -23.99 18.70
C GLY D 60 11.60 -23.86 17.99
N THR D 61 10.74 -23.01 18.54
CA THR D 61 9.40 -22.79 18.01
C THR D 61 9.30 -21.38 17.42
N SER D 62 8.15 -21.09 16.79
CA SER D 62 7.95 -19.74 16.28
C SER D 62 7.22 -18.93 17.35
N PRO D 63 7.82 -17.85 17.86
CA PRO D 63 7.14 -17.09 18.92
C PRO D 63 5.86 -16.42 18.46
N THR D 64 5.69 -16.18 17.16
CA THR D 64 4.42 -15.68 16.67
C THR D 64 3.50 -16.79 16.18
N PHE D 65 3.85 -18.06 16.42
CA PHE D 65 3.04 -19.20 15.99
C PHE D 65 2.71 -19.10 14.50
N SER D 66 3.73 -18.72 13.73
CA SER D 66 3.64 -18.58 12.28
C SER D 66 4.17 -19.88 11.68
N TYR D 67 3.24 -20.75 11.27
CA TYR D 67 3.60 -22.09 10.87
C TYR D 67 3.04 -22.44 9.50
N ARG D 68 2.77 -21.44 8.66
CA ARG D 68 2.36 -21.73 7.30
C ARG D 68 3.59 -22.16 6.48
N PHE D 69 3.31 -22.70 5.29
CA PHE D 69 4.39 -23.14 4.41
C PHE D 69 5.39 -22.02 4.13
N ALA D 70 4.89 -20.82 3.82
CA ALA D 70 5.78 -19.70 3.52
C ALA D 70 6.64 -19.30 4.72
N ASP D 71 6.12 -19.48 5.93
CA ASP D 71 6.94 -19.25 7.11
C ASP D 71 8.08 -20.24 7.20
N HIS D 72 7.79 -21.52 6.97
CA HIS D 72 8.84 -22.52 7.01
C HIS D 72 9.85 -22.30 5.91
N VAL D 73 9.39 -21.82 4.74
CA VAL D 73 10.30 -21.46 3.67
C VAL D 73 11.31 -20.45 4.17
N ARG D 74 10.82 -19.38 4.82
CA ARG D 74 11.71 -18.33 5.31
C ARG D 74 12.65 -18.85 6.40
N TYR D 75 12.13 -19.63 7.35
CA TYR D 75 12.98 -20.18 8.40
C TYR D 75 14.10 -21.04 7.82
N LEU D 76 13.76 -21.95 6.92
CA LEU D 76 14.76 -22.83 6.36
C LEU D 76 15.73 -22.08 5.45
N ASP D 77 15.25 -21.03 4.77
CA ASP D 77 16.16 -20.18 4.00
C ASP D 77 17.21 -19.57 4.91
N ALA D 78 16.79 -19.07 6.08
CA ALA D 78 17.74 -18.57 7.07
C ALA D 78 18.72 -19.65 7.51
N TRP D 79 18.27 -20.91 7.57
CA TRP D 79 19.19 -21.99 7.93
C TRP D 79 20.23 -22.23 6.82
N PHE D 80 19.79 -22.37 5.56
CA PHE D 80 20.74 -22.53 4.45
C PHE D 80 21.76 -21.40 4.47
N GLU D 81 21.31 -20.19 4.77
CA GLU D 81 22.24 -19.06 4.71
C GLU D 81 23.18 -19.03 5.91
N ALA D 82 22.68 -19.32 7.11
CA ALA D 82 23.54 -19.28 8.29
C ALA D 82 24.56 -20.41 8.29
N VAL D 83 24.20 -21.59 7.77
CA VAL D 83 25.15 -22.70 7.73
C VAL D 83 26.04 -22.64 6.50
N GLY D 84 25.68 -21.80 5.52
CA GLY D 84 26.48 -21.68 4.32
C GLY D 84 26.34 -22.84 3.35
N ILE D 85 25.13 -23.36 3.19
CA ILE D 85 24.87 -24.51 2.33
C ILE D 85 24.29 -23.99 1.01
N THR D 86 25.16 -23.50 0.12
CA THR D 86 24.70 -22.74 -1.04
C THR D 86 25.37 -23.16 -2.33
N GLU D 87 26.04 -24.31 -2.35
CA GLU D 87 26.69 -24.78 -3.57
C GLU D 87 26.80 -26.29 -3.54
N ASN D 88 26.59 -26.90 -4.71
CA ASN D 88 26.75 -28.34 -4.90
C ASN D 88 25.90 -29.15 -3.93
N VAL D 89 24.69 -28.67 -3.65
CA VAL D 89 23.82 -29.32 -2.67
C VAL D 89 23.06 -30.45 -3.34
N VAL D 90 23.09 -31.63 -2.74
CA VAL D 90 22.16 -32.70 -3.12
C VAL D 90 21.05 -32.73 -2.08
N LEU D 91 19.81 -32.57 -2.53
CA LEU D 91 18.64 -32.60 -1.64
C LEU D 91 18.04 -34.00 -1.61
N VAL D 92 17.88 -34.54 -0.41
CA VAL D 92 17.13 -35.76 -0.15
C VAL D 92 15.86 -35.37 0.61
N VAL D 93 14.69 -35.50 -0.02
CA VAL D 93 13.49 -34.84 0.50
C VAL D 93 12.27 -35.77 0.50
N HIS D 94 11.36 -35.50 1.43
CA HIS D 94 10.20 -36.35 1.67
C HIS D 94 9.07 -35.49 2.19
N ASP D 95 7.86 -35.70 1.66
CA ASP D 95 6.62 -35.04 2.14
C ASP D 95 6.79 -33.52 2.06
N TRP D 96 6.44 -32.77 3.11
CA TRP D 96 6.62 -31.32 3.09
C TRP D 96 8.08 -30.92 2.95
N GLY D 97 9.01 -31.77 3.40
CA GLY D 97 10.42 -31.52 3.11
C GLY D 97 10.66 -31.38 1.61
N SER D 98 9.98 -32.21 0.81
CA SER D 98 10.14 -32.09 -0.64
C SER D 98 9.62 -30.76 -1.12
N ALA D 99 8.47 -30.30 -0.60
CA ALA D 99 7.99 -28.99 -0.98
C ALA D 99 9.02 -27.92 -0.67
N LEU D 100 9.68 -28.02 0.49
CA LEU D 100 10.71 -27.04 0.79
C LEU D 100 11.88 -27.18 -0.18
N GLY D 101 12.33 -28.42 -0.38
CA GLY D 101 13.48 -28.62 -1.24
C GLY D 101 13.19 -28.17 -2.66
N PHE D 102 12.10 -28.69 -3.22
CA PHE D 102 11.64 -28.25 -4.53
C PHE D 102 11.65 -26.74 -4.61
N TYR D 103 11.02 -26.07 -3.64
CA TYR D 103 10.90 -24.63 -3.76
C TYR D 103 12.26 -23.97 -3.71
N ARG D 104 13.14 -24.46 -2.82
CA ARG D 104 14.52 -24.00 -2.81
C ARG D 104 15.14 -24.17 -4.19
N ALA D 105 15.03 -25.37 -4.76
CA ALA D 105 15.62 -25.61 -6.07
C ALA D 105 15.04 -24.67 -7.11
N LEU D 106 13.76 -24.31 -7.01
CA LEU D 106 13.19 -23.40 -8.00
C LEU D 106 13.85 -22.03 -7.94
N ARG D 107 14.21 -21.58 -6.74
CA ARG D 107 14.66 -20.21 -6.59
C ARG D 107 16.18 -20.09 -6.66
N TYR D 108 16.91 -21.18 -6.44
CA TYR D 108 18.36 -21.18 -6.50
C TYR D 108 18.85 -22.45 -7.20
N PRO D 109 18.39 -22.68 -8.43
CA PRO D 109 18.75 -23.94 -9.09
C PRO D 109 20.25 -24.05 -9.31
N GLU D 110 20.96 -22.92 -9.37
CA GLU D 110 22.41 -22.95 -9.55
C GLU D 110 23.12 -23.59 -8.36
N GLN D 111 22.50 -23.62 -7.18
CA GLN D 111 23.10 -24.20 -5.99
C GLN D 111 22.84 -25.70 -5.84
N ILE D 112 22.00 -26.28 -6.71
CA ILE D 112 21.51 -27.64 -6.54
C ILE D 112 22.19 -28.53 -7.57
N ALA D 113 22.86 -29.56 -7.08
CA ALA D 113 23.50 -30.55 -7.92
C ALA D 113 22.57 -31.71 -8.25
N GLY D 114 21.60 -32.00 -7.38
CA GLY D 114 20.78 -33.19 -7.53
C GLY D 114 19.67 -33.19 -6.49
N ILE D 115 18.64 -33.98 -6.79
CA ILE D 115 17.46 -34.04 -5.92
C ILE D 115 16.99 -35.49 -5.90
N ALA D 116 17.21 -36.19 -4.77
CA ALA D 116 16.53 -37.44 -4.48
C ALA D 116 15.24 -37.11 -3.73
N TYR D 117 14.12 -37.72 -4.13
CA TYR D 117 12.84 -37.38 -3.50
C TYR D 117 11.96 -38.62 -3.43
N MET D 118 11.06 -38.63 -2.46
CA MET D 118 10.29 -39.83 -2.17
C MET D 118 8.99 -39.44 -1.47
N ASP D 119 7.89 -40.06 -1.90
CA ASP D 119 6.53 -39.70 -1.47
C ASP D 119 6.42 -38.19 -1.26
N ALA D 120 6.35 -37.44 -2.37
CA ALA D 120 6.66 -36.03 -2.43
C ALA D 120 5.49 -35.25 -3.02
N LEU D 121 5.49 -33.94 -2.77
CA LEU D 121 4.49 -33.02 -3.31
C LEU D 121 5.05 -32.46 -4.62
N VAL D 122 4.83 -33.22 -5.70
CA VAL D 122 5.35 -32.84 -7.01
C VAL D 122 4.48 -31.82 -7.74
N GLN D 123 3.23 -31.64 -7.30
CA GLN D 123 2.31 -30.69 -7.90
C GLN D 123 1.09 -30.55 -7.00
N PRO D 124 0.24 -29.54 -7.21
CA PRO D 124 -1.00 -29.45 -6.44
C PRO D 124 -1.81 -30.75 -6.54
N ARG D 125 -2.55 -31.05 -5.47
CA ARG D 125 -3.17 -32.35 -5.30
C ARG D 125 -4.67 -32.28 -5.56
N THR D 126 -5.28 -33.45 -5.71
CA THR D 126 -6.72 -33.61 -5.74
C THR D 126 -7.13 -34.57 -4.64
N TRP D 127 -8.43 -34.59 -4.31
CA TRP D 127 -8.84 -35.38 -3.15
C TRP D 127 -8.73 -36.88 -3.40
N ALA D 128 -8.98 -37.33 -4.63
CA ALA D 128 -8.86 -38.76 -4.90
C ALA D 128 -7.40 -39.21 -4.79
N GLY D 129 -6.46 -38.32 -5.09
CA GLY D 129 -5.06 -38.63 -4.87
C GLY D 129 -4.75 -39.00 -3.43
N PHE D 130 -5.66 -38.71 -2.50
CA PHE D 130 -5.40 -39.04 -1.11
C PHE D 130 -5.75 -40.48 -0.76
N THR D 131 -6.46 -41.20 -1.63
CA THR D 131 -6.84 -42.61 -1.42
C THR D 131 -7.40 -42.78 -0.01
N ASP D 132 -6.95 -43.77 0.79
CA ASP D 132 -7.57 -44.04 2.08
C ASP D 132 -7.27 -42.97 3.13
N TYR D 133 -6.45 -41.97 2.80
CA TYR D 133 -6.23 -40.82 3.67
C TYR D 133 -7.22 -39.69 3.42
N GLU D 134 -8.06 -39.82 2.39
CA GLU D 134 -8.98 -38.73 2.06
C GLU D 134 -9.90 -38.37 3.22
N PRO D 135 -10.55 -39.31 3.92
CA PRO D 135 -11.41 -38.90 5.04
C PRO D 135 -10.68 -38.06 6.07
N LEU D 136 -9.59 -38.62 6.64
CA LEU D 136 -8.86 -37.92 7.69
C LEU D 136 -8.41 -36.54 7.21
N MET D 137 -7.79 -36.47 6.03
CA MET D 137 -7.29 -35.18 5.59
C MET D 137 -8.42 -34.18 5.36
N ARG D 138 -9.59 -34.65 4.92
CA ARG D 138 -10.71 -33.72 4.81
C ARG D 138 -11.12 -33.24 6.19
N ALA D 139 -11.20 -34.18 7.14
CA ALA D 139 -11.65 -33.86 8.47
C ALA D 139 -10.71 -32.86 9.13
N LEU D 140 -9.40 -33.01 8.93
CA LEU D 140 -8.46 -32.09 9.57
C LEU D 140 -8.62 -30.68 9.05
N ARG D 141 -9.11 -30.52 7.82
CA ARG D 141 -9.27 -29.20 7.25
C ARG D 141 -10.63 -28.58 7.56
N THR D 142 -11.41 -29.22 8.42
CA THR D 142 -12.58 -28.62 9.02
C THR D 142 -12.27 -28.26 10.47
N GLU D 143 -13.30 -27.74 11.15
CA GLU D 143 -13.20 -27.36 12.55
C GLU D 143 -12.99 -28.56 13.47
N GLN D 144 -13.14 -29.79 12.98
CA GLN D 144 -12.78 -30.93 13.81
C GLN D 144 -11.27 -31.11 13.88
N GLY D 145 -10.52 -30.39 13.05
CA GLY D 145 -9.07 -30.56 13.03
C GLY D 145 -8.40 -30.23 14.35
N GLU D 146 -8.91 -29.19 15.05
CA GLU D 146 -8.29 -28.81 16.31
C GLU D 146 -8.37 -29.95 17.33
N ARG D 147 -9.53 -30.56 17.48
CA ARG D 147 -9.66 -31.71 18.37
C ARG D 147 -8.70 -32.85 17.98
N MET D 148 -8.64 -33.17 16.70
CA MET D 148 -7.95 -34.38 16.26
C MET D 148 -6.44 -34.22 16.33
N ALA D 149 -5.91 -33.11 15.78
CA ALA D 149 -4.46 -32.90 15.77
C ALA D 149 -3.97 -32.34 17.10
N LEU D 150 -4.71 -31.42 17.71
CA LEU D 150 -4.18 -30.77 18.91
C LEU D 150 -4.53 -31.53 20.17
N ALA D 151 -5.82 -31.86 20.37
CA ALA D 151 -6.18 -32.55 21.59
C ALA D 151 -5.72 -34.01 21.54
N GLU D 152 -5.77 -34.63 20.37
CA GLU D 152 -5.55 -36.07 20.25
C GLU D 152 -4.23 -36.46 19.60
N ASN D 153 -3.50 -35.51 19.02
CA ASN D 153 -2.18 -35.78 18.42
C ASN D 153 -2.28 -36.88 17.35
N VAL D 154 -3.28 -36.76 16.47
CA VAL D 154 -3.56 -37.84 15.52
C VAL D 154 -2.34 -38.14 14.65
N PHE D 155 -1.58 -37.12 14.25
CA PHE D 155 -0.47 -37.36 13.33
C PHE D 155 0.58 -38.25 13.95
N VAL D 156 0.91 -38.02 15.22
CA VAL D 156 1.93 -38.84 15.86
C VAL D 156 1.35 -40.17 16.30
N GLU D 157 0.21 -40.16 16.99
CA GLU D 157 -0.30 -41.39 17.59
C GLU D 157 -0.88 -42.36 16.58
N LYS D 158 -1.28 -41.89 15.40
CA LYS D 158 -2.02 -42.73 14.48
C LYS D 158 -1.46 -42.71 13.07
N VAL D 159 -1.12 -41.53 12.54
CA VAL D 159 -0.68 -41.48 11.15
C VAL D 159 0.71 -42.10 11.01
N VAL D 160 1.62 -41.82 11.94
CA VAL D 160 2.96 -42.40 11.90
C VAL D 160 2.89 -43.93 11.97
N PRO D 161 2.28 -44.54 12.99
CA PRO D 161 2.20 -46.01 12.98
C PRO D 161 1.47 -46.55 11.76
N GLY D 162 0.46 -45.83 11.27
CA GLY D 162 -0.29 -46.28 10.12
C GLY D 162 0.42 -46.14 8.79
N GLY D 163 1.51 -45.39 8.73
CA GLY D 163 2.31 -45.26 7.52
C GLY D 163 3.62 -46.00 7.56
N VAL D 164 3.83 -46.90 8.51
CA VAL D 164 4.98 -47.79 8.54
C VAL D 164 4.46 -49.23 8.53
N GLN D 165 5.09 -50.07 7.72
CA GLN D 165 4.65 -51.47 7.62
C GLN D 165 5.08 -52.29 8.82
N ARG D 166 6.29 -52.09 9.32
CA ARG D 166 6.72 -52.82 10.51
C ARG D 166 6.07 -52.22 11.75
N GLN D 167 6.30 -52.87 12.89
CA GLN D 167 5.83 -52.40 14.19
C GLN D 167 6.88 -51.50 14.81
N LEU D 168 6.49 -50.28 15.19
CA LEU D 168 7.46 -49.36 15.76
C LEU D 168 7.75 -49.71 17.22
N THR D 169 9.02 -49.62 17.58
CA THR D 169 9.42 -49.73 18.98
C THR D 169 8.76 -48.64 19.80
N GLU D 170 8.40 -48.98 21.05
CA GLU D 170 7.88 -47.96 21.95
C GLU D 170 8.92 -46.86 22.19
N GLU D 171 10.21 -47.19 22.08
CA GLU D 171 11.23 -46.16 22.11
C GLU D 171 11.15 -45.27 20.87
N GLU D 172 10.92 -45.88 19.69
CA GLU D 172 10.73 -45.08 18.49
C GLU D 172 9.51 -44.17 18.63
N MET D 173 8.39 -44.72 19.12
CA MET D 173 7.19 -43.90 19.32
C MET D 173 7.45 -42.79 20.33
N ALA D 174 8.26 -43.06 21.36
CA ALA D 174 8.53 -42.03 22.34
C ALA D 174 9.35 -40.91 21.74
N VAL D 175 10.28 -41.26 20.84
CA VAL D 175 11.05 -40.23 20.15
C VAL D 175 10.14 -39.39 19.28
N TYR D 176 9.21 -40.03 18.57
CA TYR D 176 8.33 -39.25 17.68
C TYR D 176 7.34 -38.41 18.48
N ARG D 177 6.96 -38.84 19.69
CA ARG D 177 6.07 -38.07 20.54
C ARG D 177 6.77 -36.90 21.22
N THR D 178 8.08 -37.05 21.50
CA THR D 178 8.84 -36.06 22.27
C THR D 178 8.55 -34.60 21.93
N PRO D 179 8.53 -34.17 20.65
CA PRO D 179 8.31 -32.74 20.38
C PRO D 179 6.89 -32.26 20.67
N TYR D 180 5.97 -33.15 20.99
CA TYR D 180 4.54 -32.84 20.97
C TYR D 180 3.86 -33.28 22.27
N PRO D 181 4.33 -32.79 23.42
CA PRO D 181 3.78 -33.27 24.70
C PRO D 181 2.47 -32.61 25.07
N THR D 182 2.14 -31.45 24.52
CA THR D 182 0.95 -30.69 24.88
C THR D 182 0.19 -30.32 23.62
N PRO D 183 -1.12 -30.04 23.74
CA PRO D 183 -1.89 -29.60 22.57
C PRO D 183 -1.33 -28.36 21.90
N GLN D 184 -0.89 -27.37 22.69
CA GLN D 184 -0.33 -26.14 22.15
C GLN D 184 1.02 -26.35 21.46
N SER D 185 1.66 -27.50 21.65
CA SER D 185 2.86 -27.81 20.89
C SER D 185 2.55 -28.44 19.53
N ARG D 186 1.30 -28.82 19.27
CA ARG D 186 0.97 -29.60 18.10
C ARG D 186 0.50 -28.76 16.91
N ILE D 187 0.55 -27.44 17.05
CA ILE D 187 0.07 -26.58 15.98
C ILE D 187 0.76 -26.83 14.64
N PRO D 188 2.10 -27.01 14.56
CA PRO D 188 2.70 -27.30 13.25
C PRO D 188 2.03 -28.45 12.51
N THR D 189 1.70 -29.54 13.21
CA THR D 189 1.14 -30.71 12.53
C THR D 189 -0.24 -30.43 11.95
N LEU D 190 -1.04 -29.61 12.64
CA LEU D 190 -2.33 -29.27 12.05
C LEU D 190 -2.13 -28.33 10.88
N LEU D 191 -1.18 -27.41 11.02
CA LEU D 191 -0.97 -26.41 9.97
C LEU D 191 -0.52 -27.11 8.69
N TRP D 192 0.43 -28.02 8.82
CA TRP D 192 0.89 -28.77 7.66
C TRP D 192 -0.31 -29.39 6.93
N ALA D 193 -1.26 -29.98 7.68
CA ALA D 193 -2.42 -30.57 7.02
C ALA D 193 -3.24 -29.53 6.28
N ARG D 194 -3.41 -28.34 6.87
CA ARG D 194 -4.24 -27.34 6.22
C ARG D 194 -3.49 -26.57 5.13
N GLU D 195 -2.16 -26.73 5.03
CA GLU D 195 -1.45 -26.01 3.97
C GLU D 195 -1.37 -26.82 2.66
N ILE D 196 -1.75 -28.10 2.66
CA ILE D 196 -1.65 -28.91 1.44
C ILE D 196 -2.51 -28.27 0.37
N PRO D 197 -1.93 -27.92 -0.80
CA PRO D 197 -2.75 -27.36 -1.89
C PRO D 197 -3.61 -28.42 -2.56
N VAL D 198 -4.91 -28.39 -2.28
CA VAL D 198 -5.86 -29.36 -2.85
C VAL D 198 -6.90 -28.59 -3.63
N GLU D 199 -6.95 -28.84 -4.94
CA GLU D 199 -7.93 -28.23 -5.84
C GLU D 199 -8.03 -26.73 -5.65
N GLY D 200 -6.88 -26.06 -5.54
CA GLY D 200 -6.80 -24.63 -5.57
C GLY D 200 -6.62 -23.95 -4.21
N GLU D 201 -6.68 -24.70 -3.11
CA GLU D 201 -6.75 -24.10 -1.78
C GLU D 201 -5.81 -24.80 -0.80
N PRO D 202 -4.98 -24.04 -0.05
CA PRO D 202 -4.87 -22.57 -0.12
C PRO D 202 -4.22 -22.03 -1.38
N ALA D 203 -4.68 -20.88 -1.85
CA ALA D 203 -4.31 -20.42 -3.18
C ALA D 203 -2.83 -20.07 -3.27
N ASP D 204 -2.27 -19.47 -2.21
CA ASP D 204 -0.88 -19.04 -2.30
C ASP D 204 0.08 -20.22 -2.33
N VAL D 205 -0.17 -21.22 -1.49
CA VAL D 205 0.63 -22.44 -1.52
C VAL D 205 0.47 -23.15 -2.86
N GLN D 206 -0.76 -23.21 -3.37
CA GLN D 206 -0.97 -23.81 -4.68
C GLN D 206 -0.15 -23.10 -5.75
N ALA D 207 -0.11 -21.76 -5.70
CA ALA D 207 0.72 -21.03 -6.66
C ALA D 207 2.18 -21.45 -6.55
N MET D 208 2.74 -21.46 -5.33
CA MET D 208 4.15 -21.77 -5.20
C MET D 208 4.44 -23.17 -5.73
N VAL D 209 3.60 -24.14 -5.36
CA VAL D 209 3.83 -25.53 -5.74
C VAL D 209 3.66 -25.71 -7.25
N GLN D 210 2.69 -25.02 -7.86
CA GLN D 210 2.55 -25.08 -9.31
C GLN D 210 3.79 -24.51 -10.00
N GLU D 211 4.32 -23.42 -9.44
CA GLU D 211 5.50 -22.79 -10.04
C GLU D 211 6.70 -23.74 -10.02
N TYR D 212 6.98 -24.35 -8.87
CA TYR D 212 8.12 -25.24 -8.87
C TYR D 212 7.83 -26.54 -9.62
N ALA D 213 6.57 -26.94 -9.75
CA ALA D 213 6.24 -28.13 -10.53
C ALA D 213 6.56 -27.93 -12.01
N ASP D 214 6.15 -26.79 -12.56
CA ASP D 214 6.54 -26.46 -13.93
C ASP D 214 8.05 -26.44 -14.08
N PHE D 215 8.73 -25.68 -13.22
CA PHE D 215 10.19 -25.61 -13.32
C PHE D 215 10.82 -27.00 -13.31
N LEU D 216 10.38 -27.86 -12.40
CA LEU D 216 11.03 -29.16 -12.23
C LEU D 216 10.67 -30.13 -13.33
N SER D 217 9.47 -30.00 -13.91
CA SER D 217 9.14 -30.81 -15.07
C SER D 217 9.91 -30.36 -16.31
N ARG D 218 10.46 -29.15 -16.29
CA ARG D 218 11.33 -28.71 -17.37
C ARG D 218 12.81 -28.68 -17.00
N SER D 219 13.20 -29.20 -15.83
CA SER D 219 14.55 -29.01 -15.30
C SER D 219 15.45 -30.20 -15.63
N ASP D 220 16.71 -29.90 -15.95
CA ASP D 220 17.71 -30.92 -16.19
C ASP D 220 18.64 -31.12 -14.98
N ILE D 221 18.24 -30.66 -13.80
CA ILE D 221 18.93 -31.09 -12.59
C ILE D 221 18.82 -32.61 -12.46
N PRO D 222 19.89 -33.32 -12.13
CA PRO D 222 19.78 -34.76 -11.90
C PRO D 222 18.76 -35.09 -10.82
N LYS D 223 17.99 -36.14 -11.04
CA LYS D 223 16.94 -36.53 -10.13
C LYS D 223 16.97 -38.02 -9.87
N LEU D 224 16.63 -38.40 -8.64
CA LEU D 224 16.40 -39.79 -8.27
C LEU D 224 15.03 -39.87 -7.60
N LEU D 225 14.12 -40.61 -8.21
CA LEU D 225 12.77 -40.80 -7.69
C LEU D 225 12.73 -42.15 -6.99
N ILE D 226 12.48 -42.15 -5.69
CA ILE D 226 12.29 -43.40 -4.94
C ILE D 226 10.78 -43.59 -4.73
N VAL D 227 10.26 -44.65 -5.31
CA VAL D 227 8.84 -45.00 -5.24
C VAL D 227 8.68 -46.09 -4.18
N ALA D 228 7.77 -45.88 -3.25
CA ALA D 228 7.47 -46.90 -2.25
C ALA D 228 6.25 -47.67 -2.71
N GLU D 229 6.20 -48.95 -2.36
CA GLU D 229 5.02 -49.75 -2.66
C GLU D 229 4.52 -50.41 -1.38
N PRO D 230 3.25 -50.18 -0.99
CA PRO D 230 2.27 -49.41 -1.78
C PRO D 230 2.51 -47.89 -1.86
N GLY D 231 3.27 -47.36 -0.90
CA GLY D 231 3.46 -45.91 -0.88
C GLY D 231 2.17 -45.25 -0.41
N ALA D 232 2.06 -43.96 -0.70
CA ALA D 232 0.86 -43.19 -0.38
C ALA D 232 0.65 -42.01 -1.32
N ILE D 233 1.46 -40.95 -1.21
CA ILE D 233 1.31 -39.80 -2.10
C ILE D 233 1.61 -40.19 -3.54
N LEU D 234 2.75 -40.85 -3.76
CA LEU D 234 3.16 -41.31 -5.08
C LEU D 234 2.95 -42.83 -5.15
N HIS D 235 1.76 -43.24 -5.61
CA HIS D 235 1.41 -44.65 -5.71
C HIS D 235 1.14 -45.02 -7.17
N GLU D 236 1.29 -46.31 -7.49
CA GLU D 236 0.96 -46.77 -8.85
C GLU D 236 -0.51 -46.59 -9.13
N GLY D 237 -0.82 -46.00 -10.29
CA GLY D 237 -2.17 -45.64 -10.67
C GLY D 237 -2.51 -44.18 -10.49
N GLY D 238 -1.75 -43.46 -9.67
CA GLY D 238 -2.08 -42.08 -9.37
C GLY D 238 -1.49 -41.09 -10.35
N SER D 239 -2.22 -40.01 -10.57
CA SER D 239 -1.77 -38.98 -11.50
C SER D 239 -0.50 -38.29 -11.02
N GLU D 240 -0.28 -38.24 -9.71
CA GLU D 240 0.90 -37.56 -9.20
C GLU D 240 2.17 -38.31 -9.55
N LEU D 241 2.18 -39.63 -9.33
CA LEU D 241 3.35 -40.43 -9.67
C LEU D 241 3.62 -40.42 -11.16
N ASP D 242 2.57 -40.33 -11.98
CA ASP D 242 2.76 -40.17 -13.42
C ASP D 242 3.48 -38.86 -13.73
N PHE D 243 2.96 -37.74 -13.19
CA PHE D 243 3.59 -36.45 -13.42
C PHE D 243 5.04 -36.46 -12.96
N ALA D 244 5.33 -37.12 -11.83
CA ALA D 244 6.71 -37.21 -11.37
C ALA D 244 7.56 -38.01 -12.34
N ARG D 245 7.03 -39.15 -12.81
CA ARG D 245 7.76 -39.97 -13.77
C ARG D 245 8.00 -39.23 -15.08
N SER D 246 7.28 -38.15 -15.35
CA SER D 246 7.58 -37.37 -16.54
C SER D 246 8.76 -36.43 -16.40
N TRP D 247 9.49 -36.46 -15.28
CA TRP D 247 10.51 -35.44 -15.01
C TRP D 247 11.84 -35.80 -15.66
N PRO D 248 12.49 -34.83 -16.30
CA PRO D 248 13.68 -35.13 -17.10
C PRO D 248 14.94 -35.36 -16.25
N ASN D 249 15.92 -36.01 -16.87
CA ASN D 249 17.21 -36.34 -16.26
C ASN D 249 17.03 -37.08 -14.93
N GLN D 250 16.17 -38.09 -14.95
CA GLN D 250 15.72 -38.74 -13.72
C GLN D 250 15.89 -40.25 -13.79
N ARG D 251 16.37 -40.85 -12.71
CA ARG D 251 16.35 -42.29 -12.53
C ARG D 251 15.31 -42.64 -11.48
N GLU D 252 14.85 -43.89 -11.49
CA GLU D 252 13.77 -44.32 -10.63
C GLU D 252 14.10 -45.65 -9.95
N VAL D 253 13.68 -45.79 -8.69
CA VAL D 253 13.91 -46.99 -7.90
C VAL D 253 12.63 -47.26 -7.13
N LYS D 254 12.34 -48.54 -6.87
CA LYS D 254 11.18 -48.95 -6.08
C LYS D 254 11.64 -49.71 -4.83
N VAL D 255 11.00 -49.42 -3.69
CA VAL D 255 11.30 -50.04 -2.41
C VAL D 255 10.00 -50.28 -1.65
N ALA D 256 10.07 -51.16 -0.65
CA ALA D 256 8.89 -51.52 0.12
C ALA D 256 8.55 -50.45 1.15
N GLY D 257 7.27 -50.13 1.26
CA GLY D 257 6.83 -49.28 2.35
C GLY D 257 5.57 -48.53 2.01
N ARG D 258 5.06 -47.82 3.03
CA ARG D 258 3.94 -46.89 2.89
C ARG D 258 4.48 -45.46 2.85
N HIS D 259 3.81 -44.52 3.53
CA HIS D 259 4.26 -43.14 3.46
C HIS D 259 5.64 -42.96 4.05
N PHE D 260 5.87 -43.51 5.25
CA PHE D 260 7.13 -43.28 5.96
C PHE D 260 8.14 -44.36 5.59
N LEU D 261 8.48 -44.38 4.30
CA LEU D 261 9.19 -45.52 3.74
C LEU D 261 10.58 -45.69 4.35
N GLN D 262 11.17 -44.60 4.86
CA GLN D 262 12.49 -44.69 5.48
C GLN D 262 12.48 -45.58 6.71
N GLU D 263 11.33 -45.80 7.32
CA GLU D 263 11.29 -46.72 8.45
C GLU D 263 11.22 -48.16 8.03
N ASP D 264 10.82 -48.45 6.79
CA ASP D 264 10.72 -49.83 6.32
C ASP D 264 11.87 -50.25 5.43
N SER D 265 12.38 -49.37 4.56
CA SER D 265 13.44 -49.75 3.61
C SER D 265 14.62 -48.77 3.69
N PRO D 266 15.19 -48.55 4.88
CA PRO D 266 16.21 -47.49 4.98
C PRO D 266 17.50 -47.87 4.30
N ASP D 267 17.87 -49.15 4.35
CA ASP D 267 19.13 -49.54 3.75
C ASP D 267 19.06 -49.46 2.23
N ALA D 268 17.93 -49.87 1.65
CA ALA D 268 17.78 -49.78 0.19
C ALA D 268 17.73 -48.32 -0.26
N ILE D 269 17.03 -47.48 0.52
CA ILE D 269 16.96 -46.05 0.21
C ILE D 269 18.35 -45.44 0.27
N GLY D 270 19.10 -45.76 1.33
CA GLY D 270 20.44 -45.21 1.48
C GLY D 270 21.41 -45.68 0.41
N ALA D 271 21.36 -46.97 0.06
CA ALA D 271 22.22 -47.46 -1.03
C ALA D 271 21.89 -46.77 -2.36
N ALA D 272 20.60 -46.54 -2.64
CA ALA D 272 20.24 -45.85 -3.88
C ALA D 272 20.65 -44.39 -3.86
N VAL D 273 20.43 -43.69 -2.73
CA VAL D 273 20.91 -42.33 -2.57
C VAL D 273 22.41 -42.28 -2.75
N ARG D 274 23.12 -43.22 -2.15
CA ARG D 274 24.58 -43.26 -2.27
C ARG D 274 25.01 -43.39 -3.73
N ALA D 275 24.41 -44.34 -4.46
CA ALA D 275 24.79 -44.49 -5.87
C ALA D 275 24.51 -43.21 -6.65
N PHE D 276 23.37 -42.57 -6.38
CA PHE D 276 23.00 -41.32 -7.04
C PHE D 276 23.98 -40.19 -6.72
N VAL D 277 24.44 -40.11 -5.47
CA VAL D 277 25.33 -39.03 -5.07
C VAL D 277 26.70 -39.22 -5.72
N LEU D 278 27.23 -40.43 -5.67
CA LEU D 278 28.53 -40.66 -6.31
C LEU D 278 28.45 -40.37 -7.80
N ASP D 279 27.39 -40.83 -8.46
CA ASP D 279 27.23 -40.54 -9.88
C ASP D 279 27.15 -39.04 -10.14
N VAL D 280 26.41 -38.29 -9.32
CA VAL D 280 26.24 -36.87 -9.57
C VAL D 280 27.57 -36.13 -9.38
N ARG D 281 28.32 -36.50 -8.35
CA ARG D 281 29.60 -35.84 -8.10
C ARG D 281 30.58 -36.11 -9.25
N GLU D 282 30.57 -37.33 -9.79
CA GLU D 282 31.46 -37.65 -10.91
C GLU D 282 31.13 -36.88 -12.18
N ARG D 283 30.04 -36.13 -12.22
CA ARG D 283 29.76 -35.26 -13.37
C ARG D 283 29.56 -33.82 -12.91
#